data_8FJU
#
_entry.id   8FJU
#
_cell.length_a   157.338
_cell.length_b   157.338
_cell.length_c   207.552
_cell.angle_alpha   90.00
_cell.angle_beta   90.00
_cell.angle_gamma   120.00
#
_symmetry.space_group_name_H-M   'P 65 2 2'
#
loop_
_entity.id
_entity.type
_entity.pdbx_description
1 polymer 'Serine hydroxymethyltransferase, mitochondrial'
2 non-polymer N-GLYCINE-[3-HYDROXY-2-METHYL-5-PHOSPHONOOXYMETHYL-PYRIDIN-4-YL-METHANE]
3 non-polymer 'N-{4-[4-(2-amino-4-oxo-3,4-dihydro-5H-pyrrolo[3,2-d]pyrimidin-5-yl)butyl]-2-fluorobenzoyl}-L-glutamic acid'
4 water water
#
_entity_poly.entity_id   1
_entity_poly.type   'polypeptide(L)'
_entity_poly.pdbx_seq_one_letter_code
;MGSSHHHHHHSSGLVPRSNAAQTQTGEANRGWTGQESLSDSDPEMWELLQREKDRQCRGLELIASENFCSRAALEALGSC
LNNKYSEGYPGKRYYGGAEVVDEIELLCQRRALEAFDLDPAQWGVNVQPYSGSPANLAVYTALLQPHDRIMGLDLPDGGH
LTHGYMSDVKRISATSIFFESMPYKLNPKTGLIDYNQLALTARLFRPRLIIAGTSAYARLIDYARMREVCDEVKAHLLAD
MAHISGLVAAKVIPSPFKHADIVTTTTHKTLRGARSGLIFYRKGVKAVDPKTGREIPYTFEDRINFAVFPSLQGGPHNHA
IAAVAVALKQACTPMFREYSLQVLKNARAMADALLERGYSLVSGGTDNHLVLVDLRPKGLDGARAERVLELVSITANKNT
CPGDRSAITPGGLRLGAPALTSRQFREDDFRRVVDFIDEGVNIGLEVKSKTAKLQDFKSFLLKDSETSQRLANLRQRVEQ
FARAFPMPGFDEH
;
_entity_poly.pdbx_strand_id   A,B
#
loop_
_chem_comp.id
_chem_comp.type
_chem_comp.name
_chem_comp.formula
PLG non-polymer N-GLYCINE-[3-HYDROXY-2-METHYL-5-PHOSPHONOOXYMETHYL-PYRIDIN-4-YL-METHANE] 'C10 H15 N2 O7 P'
Y79 non-polymer 'N-{4-[4-(2-amino-4-oxo-3,4-dihydro-5H-pyrrolo[3,2-d]pyrimidin-5-yl)butyl]-2-fluorobenzoyl}-L-glutamic acid' 'C22 H24 F N5 O6'
#
# COMPACT_ATOMS: atom_id res chain seq x y z
N TRP A 32 24.45 -10.14 -14.29
CA TRP A 32 23.09 -9.90 -13.83
C TRP A 32 22.30 -9.05 -14.82
N THR A 33 21.08 -9.49 -15.11
CA THR A 33 20.20 -8.76 -16.02
C THR A 33 18.90 -8.32 -15.39
N GLY A 34 18.47 -8.92 -14.29
CA GLY A 34 17.14 -8.68 -13.79
C GLY A 34 16.04 -9.32 -14.62
N GLN A 35 16.38 -10.11 -15.64
CA GLN A 35 15.40 -10.79 -16.48
C GLN A 35 15.33 -12.29 -16.22
N GLU A 36 16.13 -12.80 -15.29
CA GLU A 36 16.09 -14.23 -14.97
C GLU A 36 14.75 -14.58 -14.33
N SER A 37 14.35 -15.83 -14.47
CA SER A 37 13.09 -16.28 -13.91
C SER A 37 13.20 -16.39 -12.39
N LEU A 38 12.05 -16.28 -11.73
CA LEU A 38 12.01 -16.48 -10.29
C LEU A 38 12.42 -17.89 -9.91
N SER A 39 12.05 -18.89 -10.72
CA SER A 39 12.40 -20.27 -10.42
C SER A 39 13.91 -20.50 -10.54
N ASP A 40 14.55 -19.84 -11.51
CA ASP A 40 15.98 -20.02 -11.71
C ASP A 40 16.79 -19.23 -10.68
N SER A 41 16.34 -18.04 -10.33
CA SER A 41 17.12 -17.14 -9.49
C SER A 41 16.84 -17.34 -8.00
N ASP A 42 15.58 -17.51 -7.62
CA ASP A 42 15.20 -17.67 -6.21
C ASP A 42 14.29 -18.89 -6.09
N PRO A 43 14.85 -20.10 -6.17
CA PRO A 43 14.00 -21.29 -6.08
C PRO A 43 13.33 -21.44 -4.73
N GLU A 44 13.94 -20.97 -3.64
CA GLU A 44 13.31 -21.08 -2.34
C GLU A 44 12.00 -20.30 -2.30
N MET A 45 11.98 -19.09 -2.88
CA MET A 45 10.74 -18.34 -2.93
C MET A 45 9.77 -18.94 -3.94
N TRP A 46 10.28 -19.49 -5.04
CA TRP A 46 9.39 -20.07 -6.05
C TRP A 46 8.64 -21.27 -5.50
N GLU A 47 9.30 -22.09 -4.67
CA GLU A 47 8.62 -23.20 -4.03
C GLU A 47 7.48 -22.71 -3.15
N LEU A 48 7.71 -21.66 -2.37
CA LEU A 48 6.64 -21.10 -1.54
C LEU A 48 5.49 -20.58 -2.40
N LEU A 49 5.80 -20.04 -3.58
CA LEU A 49 4.73 -19.63 -4.48
C LEU A 49 3.87 -20.81 -4.89
N GLN A 50 4.51 -21.94 -5.23
CA GLN A 50 3.76 -23.11 -5.69
C GLN A 50 2.97 -23.73 -4.54
N ARG A 51 3.54 -23.73 -3.33
CA ARG A 51 2.80 -24.24 -2.18
C ARG A 51 1.55 -23.42 -1.92
N GLU A 52 1.66 -22.08 -1.96
CA GLU A 52 0.49 -21.24 -1.77
C GLU A 52 -0.49 -21.38 -2.93
N LYS A 53 0.02 -21.58 -4.15
CA LYS A 53 -0.86 -21.81 -5.28
C LYS A 53 -1.58 -23.14 -5.13
N ASP A 54 -0.89 -24.17 -4.65
CA ASP A 54 -1.54 -25.46 -4.44
C ASP A 54 -2.52 -25.40 -3.28
N ARG A 55 -2.21 -24.63 -2.23
CA ARG A 55 -3.13 -24.49 -1.11
C ARG A 55 -4.44 -23.84 -1.53
N GLN A 56 -4.37 -22.86 -2.44
CA GLN A 56 -5.59 -22.22 -2.93
C GLN A 56 -6.36 -23.16 -3.84
N CYS A 57 -5.64 -23.93 -4.67
CA CYS A 57 -6.30 -24.85 -5.60
C CYS A 57 -6.95 -26.02 -4.86
N ARG A 58 -6.27 -26.58 -3.86
CA ARG A 58 -6.75 -27.75 -3.15
C ARG A 58 -7.77 -27.42 -2.05
N GLY A 59 -7.98 -26.15 -1.72
CA GLY A 59 -8.80 -25.80 -0.57
C GLY A 59 -10.16 -25.19 -0.91
N LEU A 60 -11.09 -25.18 0.04
CA LEU A 60 -12.36 -24.47 -0.12
C LEU A 60 -12.21 -23.12 0.58
N GLU A 61 -11.93 -22.10 -0.21
CA GLU A 61 -11.74 -20.75 0.29
C GLU A 61 -13.10 -20.13 0.57
N LEU A 62 -13.43 -19.99 1.84
CA LEU A 62 -14.72 -19.46 2.26
C LEU A 62 -14.59 -18.18 3.06
N ILE A 63 -13.43 -17.53 3.03
CA ILE A 63 -13.26 -16.23 3.67
C ILE A 63 -14.02 -15.19 2.85
N ALA A 64 -14.94 -14.48 3.49
CA ALA A 64 -15.88 -13.62 2.76
C ALA A 64 -15.18 -12.49 2.02
N SER A 65 -13.95 -12.15 2.40
CA SER A 65 -13.23 -11.02 1.82
C SER A 65 -12.18 -11.44 0.79
N GLU A 66 -11.91 -12.74 0.65
CA GLU A 66 -10.93 -13.24 -0.28
C GLU A 66 -11.56 -13.51 -1.65
N ASN A 67 -10.71 -13.49 -2.67
CA ASN A 67 -11.15 -13.77 -4.03
C ASN A 67 -9.92 -14.07 -4.88
N PHE A 68 -10.13 -14.78 -5.97
CA PHE A 68 -9.05 -15.22 -6.85
C PHE A 68 -8.94 -14.23 -8.02
N CYS A 69 -7.85 -13.49 -8.06
CA CYS A 69 -7.66 -12.47 -9.07
C CYS A 69 -7.41 -13.08 -10.43
N SER A 70 -7.87 -12.40 -11.47
CA SER A 70 -7.67 -12.87 -12.83
C SER A 70 -6.22 -12.65 -13.26
N ARG A 71 -5.76 -13.52 -14.16
CA ARG A 71 -4.38 -13.43 -14.64
C ARG A 71 -4.11 -12.10 -15.34
N ALA A 72 -5.12 -11.56 -16.04
CA ALA A 72 -4.93 -10.28 -16.71
C ALA A 72 -4.52 -9.20 -15.72
N ALA A 73 -5.17 -9.14 -14.56
CA ALA A 73 -4.84 -8.11 -13.57
C ALA A 73 -3.50 -8.40 -12.91
N LEU A 74 -3.22 -9.68 -12.61
CA LEU A 74 -1.94 -10.03 -12.02
C LEU A 74 -0.77 -9.73 -12.95
N GLU A 75 -0.95 -9.84 -14.25
CA GLU A 75 0.12 -9.48 -15.18
C GLU A 75 0.41 -7.99 -15.12
N ALA A 76 -0.64 -7.18 -14.91
CA ALA A 76 -0.45 -5.75 -14.75
C ALA A 76 0.07 -5.41 -13.36
N LEU A 77 -0.29 -6.23 -12.34
CA LEU A 77 0.20 -5.99 -10.99
C LEU A 77 1.70 -6.22 -10.90
N GLY A 78 2.20 -7.25 -11.55
CA GLY A 78 3.62 -7.51 -11.58
C GLY A 78 4.27 -7.02 -12.87
N SER A 79 4.02 -5.76 -13.21
CA SER A 79 4.52 -5.16 -14.44
C SER A 79 5.56 -4.09 -14.11
N CYS A 80 6.08 -3.47 -15.18
CA CYS A 80 7.09 -2.43 -15.05
C CYS A 80 6.51 -1.15 -14.46
N LEU A 81 5.19 -1.05 -14.33
CA LEU A 81 4.59 0.11 -13.68
C LEU A 81 5.06 0.27 -12.24
N ASN A 82 5.58 -0.80 -11.63
CA ASN A 82 6.15 -0.70 -10.30
C ASN A 82 7.33 0.27 -10.25
N ASN A 83 7.97 0.53 -11.39
CA ASN A 83 9.21 1.29 -11.45
C ASN A 83 9.00 2.80 -11.52
N LYS A 84 7.77 3.27 -11.73
CA LYS A 84 7.51 4.66 -12.02
C LYS A 84 7.03 5.39 -10.76
N TYR A 85 7.75 6.46 -10.40
CA TYR A 85 7.32 7.40 -9.37
C TYR A 85 6.47 8.47 -10.04
N SER A 86 5.19 8.54 -9.70
CA SER A 86 4.25 9.42 -10.38
C SER A 86 3.42 10.19 -9.38
N GLU A 87 4.09 10.78 -8.41
CA GLU A 87 3.38 11.45 -7.35
C GLU A 87 2.69 12.70 -7.85
N GLY A 88 1.46 12.90 -7.40
CA GLY A 88 0.62 13.96 -7.90
C GLY A 88 -0.67 13.41 -8.47
N TYR A 89 -1.26 14.12 -9.41
CA TYR A 89 -2.48 13.71 -10.07
C TYR A 89 -2.36 14.05 -11.54
N PRO A 90 -3.07 13.33 -12.43
CA PRO A 90 -2.96 13.59 -13.87
C PRO A 90 -3.12 15.07 -14.21
N GLY A 91 -2.07 15.66 -14.78
CA GLY A 91 -2.00 17.09 -15.02
C GLY A 91 -1.27 17.86 -13.94
N LYS A 92 -1.35 17.40 -12.69
CA LYS A 92 -0.67 18.01 -11.55
C LYS A 92 0.27 16.98 -10.93
N ARG A 93 1.35 16.71 -11.64
CA ARG A 93 2.40 15.81 -11.17
C ARG A 93 3.69 16.58 -10.91
N TYR A 94 4.60 15.96 -10.14
CA TYR A 94 5.82 16.60 -9.69
C TYR A 94 7.08 16.15 -10.41
N TYR A 95 7.04 14.99 -11.04
CA TYR A 95 8.14 14.46 -11.81
C TYR A 95 7.86 14.64 -13.30
N GLY A 96 8.74 14.09 -14.13
CA GLY A 96 8.52 13.98 -15.55
C GLY A 96 8.36 12.53 -15.96
N GLY A 97 8.13 12.34 -17.26
CA GLY A 97 7.95 11.01 -17.78
C GLY A 97 6.74 10.27 -17.26
N ALA A 98 5.70 11.00 -16.82
CA ALA A 98 4.49 10.39 -16.32
C ALA A 98 3.36 10.38 -17.35
N GLU A 99 3.69 10.50 -18.64
CA GLU A 99 2.64 10.63 -19.65
C GLU A 99 1.80 9.37 -19.76
N VAL A 100 2.40 8.19 -19.55
CA VAL A 100 1.66 6.95 -19.70
C VAL A 100 0.87 6.63 -18.43
N VAL A 101 1.48 6.80 -17.26
CA VAL A 101 0.75 6.54 -16.03
C VAL A 101 -0.37 7.55 -15.81
N ASP A 102 -0.27 8.74 -16.38
CA ASP A 102 -1.40 9.66 -16.36
C ASP A 102 -2.61 9.07 -17.08
N GLU A 103 -2.38 8.45 -18.25
CA GLU A 103 -3.47 7.83 -18.97
C GLU A 103 -3.99 6.59 -18.26
N ILE A 104 -3.09 5.84 -17.61
CA ILE A 104 -3.51 4.65 -16.89
C ILE A 104 -4.36 5.03 -15.68
N GLU A 105 -3.98 6.11 -14.99
CA GLU A 105 -4.77 6.56 -13.85
C GLU A 105 -6.10 7.13 -14.29
N LEU A 106 -6.11 7.93 -15.37
CA LEU A 106 -7.37 8.47 -15.87
C LEU A 106 -8.29 7.37 -16.39
N LEU A 107 -7.72 6.36 -17.05
CA LEU A 107 -8.53 5.23 -17.49
C LEU A 107 -9.10 4.48 -16.29
N CYS A 108 -8.28 4.28 -15.26
CA CYS A 108 -8.77 3.61 -14.06
C CYS A 108 -9.86 4.45 -13.38
N GLN A 109 -9.71 5.77 -13.38
CA GLN A 109 -10.76 6.64 -12.86
C GLN A 109 -12.02 6.50 -13.69
N ARG A 110 -11.89 6.53 -15.02
CA ARG A 110 -13.07 6.44 -15.89
C ARG A 110 -13.73 5.06 -15.76
N ARG A 111 -12.92 3.99 -15.81
CA ARG A 111 -13.47 2.66 -15.61
C ARG A 111 -14.13 2.51 -14.25
N ALA A 112 -13.65 3.24 -13.23
CA ALA A 112 -14.24 3.14 -11.91
C ALA A 112 -15.63 3.74 -11.87
N LEU A 113 -15.82 4.89 -12.52
CA LEU A 113 -17.11 5.56 -12.49
C LEU A 113 -18.19 4.76 -13.21
N GLU A 114 -17.83 4.11 -14.31
CA GLU A 114 -18.83 3.41 -15.09
C GLU A 114 -19.07 1.98 -14.63
N ALA A 115 -18.13 1.38 -13.89
CA ALA A 115 -18.46 0.13 -13.21
C ALA A 115 -19.57 0.32 -12.20
N PHE A 116 -19.82 1.57 -11.77
CA PHE A 116 -20.89 1.87 -10.82
C PHE A 116 -21.90 2.85 -11.39
N ASP A 117 -21.89 3.07 -12.70
CA ASP A 117 -22.90 3.86 -13.41
C ASP A 117 -23.06 5.25 -12.79
N LEU A 118 -21.96 6.00 -12.79
CA LEU A 118 -21.92 7.32 -12.18
C LEU A 118 -21.63 8.37 -13.24
N ASP A 119 -22.28 9.51 -13.11
CA ASP A 119 -22.02 10.64 -14.00
C ASP A 119 -20.74 11.34 -13.57
N PRO A 120 -19.75 11.48 -14.46
CA PRO A 120 -18.52 12.20 -14.08
C PRO A 120 -18.76 13.63 -13.62
N ALA A 121 -19.89 14.24 -13.99
CA ALA A 121 -20.20 15.58 -13.50
C ALA A 121 -20.68 15.56 -12.06
N GLN A 122 -21.18 14.41 -11.59
CA GLN A 122 -21.66 14.29 -10.22
C GLN A 122 -20.72 13.53 -9.29
N TRP A 123 -19.85 12.68 -9.83
CA TRP A 123 -19.00 11.82 -9.02
C TRP A 123 -17.56 11.85 -9.54
N GLY A 124 -16.62 11.91 -8.60
CA GLY A 124 -15.22 11.69 -8.91
C GLY A 124 -14.69 10.55 -8.07
N VAL A 125 -13.57 9.98 -8.52
CA VAL A 125 -12.96 8.86 -7.82
C VAL A 125 -11.45 9.07 -7.73
N ASN A 126 -10.88 8.70 -6.59
CA ASN A 126 -9.44 8.61 -6.38
C ASN A 126 -9.04 7.15 -6.34
N VAL A 127 -8.06 6.78 -7.18
CA VAL A 127 -7.68 5.39 -7.34
C VAL A 127 -6.34 5.09 -6.68
N GLN A 128 -5.76 6.05 -5.97
CA GLN A 128 -4.44 5.89 -5.37
C GLN A 128 -4.39 5.22 -3.99
N PRO A 129 -5.48 5.10 -3.23
CA PRO A 129 -5.37 4.41 -1.93
C PRO A 129 -4.75 3.02 -2.04
N TYR A 130 -3.80 2.75 -1.14
CA TYR A 130 -3.09 1.48 -1.15
C TYR A 130 -3.97 0.31 -0.78
N SER A 131 -5.04 0.55 -0.03
CA SER A 131 -5.93 -0.50 0.42
C SER A 131 -7.17 0.17 1.02
N GLY A 132 -8.03 -0.65 1.65
CA GLY A 132 -9.24 -0.10 2.23
C GLY A 132 -8.97 0.74 3.48
N SER A 133 -8.14 0.22 4.38
CA SER A 133 -7.77 0.98 5.57
C SER A 133 -7.18 2.34 5.22
N PRO A 134 -6.17 2.47 4.36
CA PRO A 134 -5.70 3.81 3.98
C PRO A 134 -6.76 4.67 3.34
N ALA A 135 -7.67 4.06 2.57
CA ALA A 135 -8.70 4.85 1.89
C ALA A 135 -9.63 5.53 2.90
N ASN A 136 -10.04 4.79 3.92
CA ASN A 136 -10.92 5.38 4.93
C ASN A 136 -10.19 6.48 5.71
N LEU A 137 -8.96 6.20 6.17
CA LEU A 137 -8.19 7.21 6.88
C LEU A 137 -8.01 8.47 6.04
N ALA A 138 -7.92 8.34 4.72
CA ALA A 138 -7.83 9.51 3.87
C ALA A 138 -9.14 10.30 3.87
N VAL A 139 -10.27 9.61 3.95
CA VAL A 139 -11.54 10.31 3.98
C VAL A 139 -11.65 11.14 5.26
N TYR A 140 -11.35 10.54 6.41
CA TYR A 140 -11.43 11.28 7.66
C TYR A 140 -10.45 12.45 7.67
N THR A 141 -9.21 12.21 7.24
CA THR A 141 -8.21 13.28 7.19
C THR A 141 -8.65 14.40 6.24
N ALA A 142 -9.34 14.06 5.16
CA ALA A 142 -9.74 15.08 4.19
C ALA A 142 -10.88 15.94 4.73
N LEU A 143 -11.86 15.34 5.39
CA LEU A 143 -13.08 16.03 5.75
C LEU A 143 -13.16 16.45 7.20
N LEU A 144 -12.33 15.89 8.07
CA LEU A 144 -12.43 16.15 9.50
C LEU A 144 -11.11 16.67 10.05
N GLN A 145 -11.22 17.40 11.15
CA GLN A 145 -10.06 17.76 11.95
C GLN A 145 -9.74 16.64 12.92
N PRO A 146 -8.51 16.57 13.42
CA PRO A 146 -8.20 15.58 14.46
C PRO A 146 -9.15 15.71 15.64
N HIS A 147 -9.53 14.56 16.19
CA HIS A 147 -10.47 14.40 17.30
C HIS A 147 -11.92 14.72 16.92
N ASP A 148 -12.20 15.01 15.65
CA ASP A 148 -13.59 15.09 15.22
C ASP A 148 -14.27 13.74 15.40
N ARG A 149 -15.60 13.76 15.39
CA ARG A 149 -16.38 12.61 15.82
C ARG A 149 -16.88 11.81 14.63
N ILE A 150 -16.72 10.49 14.70
CA ILE A 150 -17.24 9.56 13.71
C ILE A 150 -18.07 8.50 14.42
N MET A 151 -18.95 7.85 13.66
CA MET A 151 -19.80 6.78 14.17
C MET A 151 -19.81 5.66 13.15
N GLY A 152 -19.36 4.47 13.57
CA GLY A 152 -19.38 3.31 12.73
C GLY A 152 -19.92 2.11 13.48
N LEU A 153 -20.28 1.08 12.72
CA LEU A 153 -20.75 -0.15 13.33
C LEU A 153 -19.61 -0.80 14.13
N ASP A 154 -19.92 -1.20 15.36
CA ASP A 154 -18.90 -1.77 16.23
C ASP A 154 -18.33 -3.04 15.62
N LEU A 155 -17.09 -3.36 16.01
CA LEU A 155 -16.41 -4.49 15.39
C LEU A 155 -17.11 -5.83 15.66
N PRO A 156 -17.44 -6.21 16.89
CA PRO A 156 -18.19 -7.45 17.10
C PRO A 156 -19.57 -7.43 16.46
N ASP A 157 -20.09 -6.25 16.13
CA ASP A 157 -21.39 -6.12 15.49
C ASP A 157 -21.31 -6.14 13.97
N GLY A 158 -20.13 -6.36 13.40
CA GLY A 158 -19.96 -6.45 11.96
C GLY A 158 -19.17 -5.32 11.32
N GLY A 159 -18.94 -4.21 12.00
CA GLY A 159 -18.17 -3.13 11.41
C GLY A 159 -16.69 -3.46 11.33
N HIS A 160 -15.98 -2.65 10.56
CA HIS A 160 -14.55 -2.86 10.35
C HIS A 160 -13.73 -2.06 11.35
N LEU A 161 -12.46 -2.45 11.50
CA LEU A 161 -11.53 -1.71 12.35
C LEU A 161 -11.56 -0.22 12.01
N THR A 162 -11.33 0.11 10.74
CA THR A 162 -11.17 1.50 10.30
C THR A 162 -12.45 2.30 10.35
N HIS A 163 -13.49 1.80 10.99
CA HIS A 163 -14.69 2.58 11.24
C HIS A 163 -14.68 3.20 12.63
N GLY A 164 -13.55 3.15 13.32
CA GLY A 164 -13.40 3.82 14.60
C GLY A 164 -13.49 2.87 15.78
N TYR A 165 -12.90 1.68 15.65
CA TYR A 165 -13.05 0.67 16.69
C TYR A 165 -12.08 0.96 17.83
N MET A 166 -12.62 1.14 19.03
CA MET A 166 -11.86 1.13 20.27
C MET A 166 -12.63 0.28 21.26
N SER A 167 -11.92 -0.63 21.93
CA SER A 167 -12.53 -1.43 22.98
C SER A 167 -12.70 -0.58 24.23
N ASP A 168 -13.01 -1.23 25.36
CA ASP A 168 -13.08 -0.55 26.64
C ASP A 168 -11.75 -0.53 27.38
N VAL A 169 -10.71 -1.09 26.79
CA VAL A 169 -9.40 -1.14 27.41
C VAL A 169 -8.32 -0.42 26.59
N LYS A 170 -8.49 -0.29 25.28
CA LYS A 170 -7.42 0.16 24.41
C LYS A 170 -8.00 0.70 23.12
N ARG A 171 -7.41 1.79 22.62
CA ARG A 171 -7.74 2.28 21.28
C ARG A 171 -7.09 1.37 20.25
N ILE A 172 -7.91 0.77 19.40
CA ILE A 172 -7.42 -0.27 18.49
C ILE A 172 -7.01 0.35 17.16
N SER A 173 -7.98 0.81 16.40
CA SER A 173 -7.71 1.41 15.10
C SER A 173 -7.25 2.85 15.25
N ALA A 174 -6.37 3.27 14.35
CA ALA A 174 -5.94 4.67 14.36
C ALA A 174 -7.10 5.60 14.05
N THR A 175 -8.18 5.09 13.46
CA THR A 175 -9.38 5.89 13.26
C THR A 175 -10.02 6.28 14.59
N SER A 176 -9.72 5.56 15.67
CA SER A 176 -10.22 5.91 16.99
C SER A 176 -9.22 6.73 17.81
N ILE A 177 -7.98 6.84 17.35
CA ILE A 177 -6.93 7.60 18.04
C ILE A 177 -6.92 9.02 17.53
N PHE A 178 -6.80 9.19 16.22
CA PHE A 178 -6.78 10.51 15.60
C PHE A 178 -8.16 11.12 15.46
N PHE A 179 -9.22 10.33 15.60
CA PHE A 179 -10.58 10.84 15.57
C PHE A 179 -11.36 10.23 16.72
N GLU A 180 -12.38 10.93 17.17
CA GLU A 180 -13.18 10.48 18.30
C GLU A 180 -14.33 9.62 17.79
N SER A 181 -14.43 8.40 18.32
CA SER A 181 -15.30 7.38 17.76
C SER A 181 -16.27 6.85 18.81
N MET A 182 -17.55 6.82 18.46
CA MET A 182 -18.57 6.15 19.26
C MET A 182 -19.30 5.17 18.35
N PRO A 183 -19.30 3.88 18.66
CA PRO A 183 -19.92 2.90 17.78
C PRO A 183 -21.42 2.81 17.98
N TYR A 184 -22.12 2.48 16.89
CA TYR A 184 -23.51 2.06 16.98
C TYR A 184 -23.60 0.55 16.85
N LYS A 185 -24.61 -0.03 17.48
CA LYS A 185 -24.72 -1.47 17.61
C LYS A 185 -25.90 -2.01 16.81
N LEU A 186 -25.94 -3.33 16.69
CA LEU A 186 -27.09 -4.04 16.18
C LEU A 186 -28.11 -4.27 17.30
N ASN A 187 -29.33 -4.59 16.88
CA ASN A 187 -30.33 -5.08 17.81
C ASN A 187 -30.06 -6.55 18.09
N PRO A 188 -29.68 -6.93 19.31
CA PRO A 188 -29.33 -8.34 19.57
C PRO A 188 -30.49 -9.31 19.38
N LYS A 189 -31.72 -8.84 19.33
CA LYS A 189 -32.86 -9.71 19.05
C LYS A 189 -33.08 -9.88 17.55
N THR A 190 -32.67 -8.88 16.78
CA THR A 190 -32.99 -8.69 15.38
C THR A 190 -31.86 -9.14 14.49
N GLY A 191 -30.62 -9.06 14.98
CA GLY A 191 -29.44 -9.32 14.17
C GLY A 191 -29.13 -8.25 13.13
N LEU A 192 -29.99 -7.26 12.98
CA LEU A 192 -29.81 -6.16 12.04
C LEU A 192 -29.48 -4.88 12.78
N ILE A 193 -29.05 -3.87 12.01
CA ILE A 193 -28.60 -2.62 12.59
C ILE A 193 -29.75 -1.93 13.30
N ASP A 194 -29.50 -1.50 14.54
CA ASP A 194 -30.48 -0.76 15.31
C ASP A 194 -30.48 0.68 14.82
N TYR A 195 -31.23 0.92 13.74
CA TYR A 195 -31.29 2.24 13.15
C TYR A 195 -31.90 3.27 14.10
N ASN A 196 -32.80 2.84 14.98
CA ASN A 196 -33.40 3.79 15.92
C ASN A 196 -32.38 4.23 16.97
N GLN A 197 -31.70 3.27 17.59
CA GLN A 197 -30.67 3.61 18.57
C GLN A 197 -29.55 4.43 17.94
N LEU A 198 -29.21 4.16 16.68
CA LEU A 198 -28.25 5.00 15.97
C LEU A 198 -28.74 6.45 15.92
N ALA A 199 -29.98 6.66 15.50
CA ALA A 199 -30.50 8.02 15.36
C ALA A 199 -30.55 8.74 16.70
N LEU A 200 -30.89 8.01 17.77
CA LEU A 200 -30.96 8.65 19.09
C LEU A 200 -29.57 9.06 19.56
N THR A 201 -28.61 8.14 19.50
CA THR A 201 -27.25 8.44 19.92
C THR A 201 -26.55 9.42 18.96
N ALA A 202 -27.05 9.58 17.74
CA ALA A 202 -26.38 10.46 16.78
C ALA A 202 -26.59 11.92 17.14
N ARG A 203 -27.78 12.31 17.59
CA ARG A 203 -27.97 13.70 17.93
C ARG A 203 -27.33 14.06 19.26
N LEU A 204 -27.08 13.07 20.12
CA LEU A 204 -26.36 13.34 21.36
C LEU A 204 -24.86 13.41 21.11
N PHE A 205 -24.32 12.42 20.40
CA PHE A 205 -22.88 12.38 20.13
C PHE A 205 -22.47 13.43 19.11
N ARG A 206 -23.38 13.83 18.23
CA ARG A 206 -23.11 14.81 17.19
C ARG A 206 -21.87 14.46 16.35
N PRO A 207 -21.90 13.34 15.62
CA PRO A 207 -20.76 13.01 14.76
C PRO A 207 -20.74 13.91 13.53
N ARG A 208 -19.54 14.10 13.00
CA ARG A 208 -19.37 14.81 11.74
C ARG A 208 -19.42 13.87 10.54
N LEU A 209 -19.29 12.56 10.76
CA LEU A 209 -19.33 11.58 9.70
C LEU A 209 -19.80 10.26 10.27
N ILE A 210 -20.66 9.55 9.53
CA ILE A 210 -21.13 8.22 9.89
C ILE A 210 -20.77 7.28 8.75
N ILE A 211 -20.23 6.12 9.11
CA ILE A 211 -19.80 5.11 8.13
C ILE A 211 -20.90 4.06 8.02
N ALA A 212 -21.45 3.91 6.82
CA ALA A 212 -22.45 2.90 6.53
C ALA A 212 -21.77 1.80 5.73
N GLY A 213 -21.07 0.92 6.43
CA GLY A 213 -20.34 -0.16 5.78
C GLY A 213 -19.97 -1.21 6.79
N THR A 214 -19.88 -2.45 6.34
CA THR A 214 -19.70 -3.58 7.23
C THR A 214 -18.64 -4.54 6.69
N SER A 215 -18.14 -5.37 7.59
CA SER A 215 -17.23 -6.46 7.23
C SER A 215 -17.82 -7.84 7.47
N ALA A 216 -18.78 -7.95 8.42
CA ALA A 216 -19.43 -9.22 8.75
C ALA A 216 -20.91 -8.91 9.00
N TYR A 217 -21.68 -8.85 7.91
CA TYR A 217 -23.08 -8.49 7.98
C TYR A 217 -23.77 -9.03 6.74
N ALA A 218 -24.83 -9.82 6.93
CA ALA A 218 -25.45 -10.55 5.84
C ALA A 218 -26.63 -9.83 5.20
N ARG A 219 -27.11 -8.74 5.79
CA ARG A 219 -28.26 -8.02 5.27
C ARG A 219 -27.83 -6.77 4.50
N LEU A 220 -28.81 -6.12 3.90
CA LEU A 220 -28.58 -4.88 3.16
C LEU A 220 -28.79 -3.68 4.08
N ILE A 221 -27.92 -2.68 3.93
CA ILE A 221 -27.94 -1.50 4.79
C ILE A 221 -28.92 -0.48 4.23
N ASP A 222 -29.77 0.05 5.10
CA ASP A 222 -30.77 1.05 4.70
C ASP A 222 -30.07 2.40 4.58
N TYR A 223 -29.46 2.63 3.41
CA TYR A 223 -28.77 3.90 3.19
C TYR A 223 -29.72 5.08 3.21
N ALA A 224 -31.00 4.87 2.86
CA ALA A 224 -31.98 5.94 2.98
C ALA A 224 -32.19 6.32 4.44
N ARG A 225 -32.15 5.35 5.35
CA ARG A 225 -32.26 5.66 6.77
C ARG A 225 -30.97 6.28 7.30
N MET A 226 -29.83 5.83 6.77
CA MET A 226 -28.56 6.43 7.16
C MET A 226 -28.50 7.89 6.74
N ARG A 227 -28.97 8.21 5.53
CA ARG A 227 -28.95 9.59 5.07
C ARG A 227 -29.90 10.47 5.87
N GLU A 228 -31.00 9.91 6.36
CA GLU A 228 -31.91 10.66 7.21
C GLU A 228 -31.23 11.05 8.51
N VAL A 229 -30.53 10.10 9.14
CA VAL A 229 -29.80 10.40 10.36
C VAL A 229 -28.69 11.40 10.08
N CYS A 230 -28.00 11.25 8.95
CA CYS A 230 -26.90 12.16 8.62
C CYS A 230 -27.41 13.56 8.31
N ASP A 231 -28.58 13.68 7.67
CA ASP A 231 -29.11 15.00 7.36
C ASP A 231 -29.63 15.69 8.61
N GLU A 232 -30.04 14.93 9.63
CA GLU A 232 -30.57 15.55 10.83
C GLU A 232 -29.44 16.06 11.72
N VAL A 233 -28.39 15.26 11.93
CA VAL A 233 -27.25 15.68 12.72
C VAL A 233 -26.20 16.42 11.87
N LYS A 234 -26.49 16.65 10.59
CA LYS A 234 -25.59 17.39 9.70
C LYS A 234 -24.19 16.77 9.67
N ALA A 235 -24.16 15.45 9.48
CA ALA A 235 -22.92 14.69 9.32
C ALA A 235 -22.75 14.27 7.86
N HIS A 236 -21.58 13.72 7.57
CA HIS A 236 -21.28 13.13 6.26
C HIS A 236 -21.67 11.67 6.26
N LEU A 237 -22.22 11.21 5.13
CA LEU A 237 -22.57 9.81 4.95
C LEU A 237 -21.51 9.14 4.09
N LEU A 238 -20.61 8.42 4.73
CA LEU A 238 -19.61 7.60 4.04
C LEU A 238 -20.11 6.16 4.00
N ALA A 239 -20.09 5.57 2.81
CA ALA A 239 -20.47 4.18 2.61
C ALA A 239 -19.21 3.38 2.27
N ASP A 240 -18.87 2.43 3.12
CA ASP A 240 -17.73 1.55 2.89
C ASP A 240 -18.26 0.26 2.27
N MET A 241 -18.38 0.25 0.95
CA MET A 241 -18.94 -0.87 0.21
C MET A 241 -17.91 -1.94 -0.11
N ALA A 242 -16.85 -2.06 0.69
CA ALA A 242 -15.73 -2.93 0.34
C ALA A 242 -16.20 -4.36 0.08
N HIS A 243 -17.03 -4.91 0.96
CA HIS A 243 -17.42 -6.30 0.82
C HIS A 243 -18.42 -6.51 -0.32
N ILE A 244 -19.23 -5.50 -0.62
CA ILE A 244 -20.31 -5.64 -1.57
C ILE A 244 -20.05 -4.85 -2.85
N SER A 245 -18.79 -4.48 -3.10
CA SER A 245 -18.49 -3.60 -4.23
C SER A 245 -18.84 -4.28 -5.56
N GLY A 246 -18.55 -5.58 -5.69
CA GLY A 246 -18.91 -6.29 -6.90
C GLY A 246 -20.42 -6.40 -7.09
N LEU A 247 -21.15 -6.64 -6.00
CA LEU A 247 -22.61 -6.73 -6.09
C LEU A 247 -23.25 -5.41 -6.46
N VAL A 248 -22.65 -4.29 -6.05
CA VAL A 248 -23.17 -2.98 -6.45
C VAL A 248 -22.78 -2.67 -7.88
N ALA A 249 -21.60 -3.09 -8.30
CA ALA A 249 -21.16 -2.82 -9.67
C ALA A 249 -22.04 -3.55 -10.68
N ALA A 250 -22.40 -4.79 -10.38
CA ALA A 250 -23.27 -5.59 -11.23
C ALA A 250 -24.74 -5.23 -11.10
N LYS A 251 -25.07 -4.10 -10.45
CA LYS A 251 -26.47 -3.66 -10.26
C LYS A 251 -27.30 -4.78 -9.64
N VAL A 252 -26.65 -5.59 -8.81
CA VAL A 252 -27.26 -6.79 -8.25
C VAL A 252 -27.96 -6.50 -6.94
N ILE A 253 -27.36 -5.68 -6.07
CA ILE A 253 -28.01 -5.21 -4.86
C ILE A 253 -28.22 -3.70 -4.99
N PRO A 254 -29.00 -3.05 -4.13
CA PRO A 254 -29.13 -1.60 -4.21
C PRO A 254 -27.79 -0.90 -4.01
N SER A 255 -27.62 0.22 -4.69
CA SER A 255 -26.36 0.96 -4.67
C SER A 255 -26.40 2.04 -3.59
N PRO A 256 -25.31 2.18 -2.81
CA PRO A 256 -25.24 3.27 -1.83
C PRO A 256 -24.94 4.62 -2.44
N PHE A 257 -24.61 4.68 -3.73
CA PHE A 257 -24.29 5.96 -4.36
C PHE A 257 -25.49 6.89 -4.45
N LYS A 258 -26.70 6.39 -4.23
CA LYS A 258 -27.88 7.24 -4.29
C LYS A 258 -28.03 8.12 -3.05
N HIS A 259 -27.48 7.70 -1.92
CA HIS A 259 -27.65 8.40 -0.66
C HIS A 259 -26.35 8.92 -0.06
N ALA A 260 -25.21 8.31 -0.37
CA ALA A 260 -23.96 8.64 0.29
C ALA A 260 -23.24 9.79 -0.41
N ASP A 261 -22.51 10.58 0.38
CA ASP A 261 -21.71 11.67 -0.17
C ASP A 261 -20.33 11.18 -0.58
N ILE A 262 -19.78 10.23 0.16
CA ILE A 262 -18.48 9.63 -0.11
C ILE A 262 -18.66 8.11 -0.05
N VAL A 263 -18.06 7.42 -1.01
CA VAL A 263 -18.09 5.96 -1.05
C VAL A 263 -16.66 5.46 -1.11
N THR A 264 -16.32 4.54 -0.23
CA THR A 264 -15.00 3.94 -0.15
C THR A 264 -15.11 2.45 -0.42
N THR A 265 -14.10 1.89 -1.08
CA THR A 265 -14.12 0.46 -1.39
C THR A 265 -12.70 -0.07 -1.50
N THR A 266 -12.57 -1.35 -1.19
CA THR A 266 -11.41 -2.12 -1.63
C THR A 266 -11.62 -2.58 -3.07
N THR A 267 -10.52 -2.91 -3.74
CA THR A 267 -10.60 -3.37 -5.12
C THR A 267 -10.55 -4.88 -5.26
N HIS A 268 -10.12 -5.59 -4.21
CA HIS A 268 -10.27 -7.04 -4.19
C HIS A 268 -11.66 -7.35 -3.63
N LYS A 269 -11.80 -8.45 -2.89
CA LYS A 269 -13.10 -8.88 -2.36
C LYS A 269 -14.00 -9.19 -3.56
N THR A 270 -15.25 -8.72 -3.60
CA THR A 270 -16.16 -9.10 -4.67
C THR A 270 -15.78 -8.46 -6.00
N LEU A 271 -15.03 -7.36 -6.00
CA LEU A 271 -14.58 -6.76 -7.26
C LEU A 271 -13.52 -7.61 -7.94
N ARG A 272 -12.93 -8.58 -7.23
CA ARG A 272 -12.02 -9.56 -7.81
C ARG A 272 -10.85 -8.87 -8.51
N GLY A 273 -10.18 -7.99 -7.80
CA GLY A 273 -9.03 -7.30 -8.35
C GLY A 273 -7.81 -7.38 -7.46
N ALA A 274 -6.81 -6.55 -7.73
CA ALA A 274 -5.65 -6.51 -6.88
C ALA A 274 -5.97 -5.78 -5.57
N ARG A 275 -5.13 -6.00 -4.57
CA ARG A 275 -5.29 -5.33 -3.28
C ARG A 275 -5.03 -3.84 -3.46
N SER A 276 -6.09 -3.04 -3.34
CA SER A 276 -5.99 -1.60 -3.47
C SER A 276 -7.24 -0.99 -2.82
N GLY A 277 -7.44 0.31 -3.02
CA GLY A 277 -8.60 0.98 -2.48
C GLY A 277 -9.00 2.12 -3.38
N LEU A 278 -10.26 2.53 -3.25
CA LEU A 278 -10.80 3.63 -4.03
C LEU A 278 -11.61 4.52 -3.13
N ILE A 279 -11.75 5.78 -3.52
CA ILE A 279 -12.54 6.76 -2.79
C ILE A 279 -13.42 7.48 -3.80
N PHE A 280 -14.72 7.20 -3.77
CA PHE A 280 -15.67 7.91 -4.61
C PHE A 280 -16.22 9.10 -3.83
N TYR A 281 -16.24 10.27 -4.46
CA TYR A 281 -16.71 11.48 -3.83
C TYR A 281 -17.66 12.21 -4.77
N ARG A 282 -18.58 12.96 -4.18
CA ARG A 282 -19.56 13.71 -4.96
C ARG A 282 -18.97 15.06 -5.37
N LYS A 283 -19.13 15.41 -6.64
CA LYS A 283 -18.70 16.71 -7.15
C LYS A 283 -19.89 17.37 -7.85
N GLY A 284 -19.76 18.67 -8.10
CA GLY A 284 -20.83 19.46 -8.67
C GLY A 284 -21.49 20.36 -7.65
N VAL A 285 -22.75 20.74 -7.87
CA VAL A 285 -23.46 21.62 -6.95
C VAL A 285 -24.13 20.78 -5.87
N LYS A 286 -24.08 21.28 -4.64
CA LYS A 286 -24.68 20.57 -3.50
C LYS A 286 -26.09 21.11 -3.25
N ALA A 287 -26.18 22.37 -2.83
CA ALA A 287 -27.46 23.03 -2.64
C ALA A 287 -27.70 24.07 -3.73
N ASP A 289 -29.61 26.71 -1.94
CA ASP A 289 -29.43 28.06 -2.45
C ASP A 289 -30.15 29.09 -1.56
N PRO A 290 -29.37 29.90 -0.84
CA PRO A 290 -29.98 30.94 -0.01
C PRO A 290 -30.39 32.14 -0.84
N LYS A 291 -29.64 32.41 -1.91
CA LYS A 291 -29.95 33.52 -2.80
C LYS A 291 -29.39 33.25 -4.19
N GLU A 295 -25.74 28.75 -5.64
CA GLU A 295 -25.22 27.47 -6.13
C GLU A 295 -24.01 27.01 -5.30
N ILE A 296 -24.28 26.54 -4.09
CA ILE A 296 -23.22 26.05 -3.19
C ILE A 296 -22.62 24.78 -3.76
N PRO A 297 -21.35 24.77 -4.14
CA PRO A 297 -20.77 23.59 -4.79
C PRO A 297 -20.23 22.58 -3.79
N TYR A 298 -20.08 21.35 -4.29
CA TYR A 298 -19.46 20.29 -3.50
C TYR A 298 -17.97 20.56 -3.34
N THR A 299 -17.47 20.40 -2.12
CA THR A 299 -16.06 20.66 -1.85
C THR A 299 -15.38 19.41 -1.30
N PHE A 300 -15.52 18.29 -2.02
CA PHE A 300 -14.91 17.03 -1.59
C PHE A 300 -13.63 16.72 -2.36
N GLU A 301 -13.59 17.03 -3.66
CA GLU A 301 -12.54 16.54 -4.53
C GLU A 301 -11.16 16.99 -4.07
N ASP A 302 -10.97 18.31 -3.96
CA ASP A 302 -9.64 18.82 -3.61
C ASP A 302 -9.19 18.31 -2.24
N ARG A 303 -10.12 18.23 -1.29
CA ARG A 303 -9.75 17.74 0.03
C ARG A 303 -9.42 16.26 0.01
N ILE A 304 -10.26 15.46 -0.66
CA ILE A 304 -10.01 14.02 -0.73
C ILE A 304 -8.66 13.76 -1.39
N ASN A 305 -8.42 14.39 -2.54
CA ASN A 305 -7.17 14.17 -3.27
C ASN A 305 -5.96 14.61 -2.46
N PHE A 306 -6.04 15.76 -1.80
CA PHE A 306 -4.92 16.24 -1.00
C PHE A 306 -4.65 15.33 0.19
N ALA A 307 -5.68 14.71 0.77
CA ALA A 307 -5.47 13.83 1.89
C ALA A 307 -4.74 12.56 1.46
N VAL A 308 -5.06 12.04 0.27
CA VAL A 308 -4.35 10.88 -0.24
C VAL A 308 -2.89 11.22 -0.52
N PHE A 309 -2.65 12.31 -1.26
CA PHE A 309 -1.32 12.81 -1.53
C PHE A 309 -1.39 14.33 -1.56
N PRO A 310 -0.49 15.04 -0.85
CA PRO A 310 0.70 14.49 -0.17
C PRO A 310 0.53 14.21 1.32
N SER A 311 -0.69 14.27 1.87
CA SER A 311 -0.88 14.15 3.30
C SER A 311 -0.47 12.76 3.81
N LEU A 312 -1.12 11.72 3.29
CA LEU A 312 -0.95 10.38 3.86
C LEU A 312 -0.01 9.49 3.05
N GLN A 313 -0.23 9.37 1.76
CA GLN A 313 0.55 8.43 0.98
C GLN A 313 1.68 9.14 0.25
N GLY A 314 2.64 8.33 -0.21
CA GLY A 314 3.73 8.86 -1.01
C GLY A 314 3.48 8.57 -2.47
N GLY A 315 4.35 7.78 -3.08
CA GLY A 315 4.20 7.44 -4.48
C GLY A 315 3.07 6.46 -4.72
N PRO A 316 2.23 6.75 -5.71
CA PRO A 316 1.19 5.80 -6.10
C PRO A 316 1.79 4.49 -6.59
N HIS A 317 1.08 3.40 -6.33
CA HIS A 317 1.46 2.09 -6.85
C HIS A 317 0.77 1.92 -8.20
N ASN A 318 1.44 2.36 -9.27
CA ASN A 318 0.83 2.37 -10.59
C ASN A 318 0.54 0.95 -11.08
N HIS A 319 1.35 -0.02 -10.69
CA HIS A 319 1.06 -1.40 -11.07
C HIS A 319 -0.24 -1.88 -10.46
N ALA A 320 -0.54 -1.46 -9.23
CA ALA A 320 -1.80 -1.82 -8.61
C ALA A 320 -2.96 -1.05 -9.24
N ILE A 321 -2.74 0.22 -9.59
CA ILE A 321 -3.78 1.02 -10.23
C ILE A 321 -4.20 0.42 -11.56
N ALA A 322 -3.23 -0.13 -12.31
CA ALA A 322 -3.56 -0.74 -13.59
C ALA A 322 -4.31 -2.05 -13.39
N ALA A 323 -3.85 -2.88 -12.45
CA ALA A 323 -4.57 -4.12 -12.13
C ALA A 323 -6.00 -3.82 -11.70
N VAL A 324 -6.21 -2.71 -10.99
CA VAL A 324 -7.57 -2.32 -10.62
C VAL A 324 -8.38 -1.95 -11.85
N ALA A 325 -7.77 -1.21 -12.78
CA ALA A 325 -8.47 -0.84 -14.01
C ALA A 325 -8.82 -2.07 -14.83
N VAL A 326 -7.96 -3.09 -14.81
CA VAL A 326 -8.28 -4.33 -15.50
C VAL A 326 -9.55 -4.94 -14.92
N ALA A 327 -9.61 -5.07 -13.59
CA ALA A 327 -10.78 -5.66 -12.95
C ALA A 327 -12.02 -4.78 -13.10
N LEU A 328 -11.84 -3.46 -13.11
CA LEU A 328 -12.99 -2.57 -13.29
C LEU A 328 -13.57 -2.69 -14.69
N LYS A 329 -12.73 -3.02 -15.69
CA LYS A 329 -13.25 -3.32 -17.02
C LYS A 329 -14.04 -4.62 -17.00
N GLN A 330 -13.50 -5.65 -16.34
CA GLN A 330 -14.22 -6.92 -16.20
C GLN A 330 -15.52 -6.77 -15.43
N ALA A 331 -15.65 -5.72 -14.60
CA ALA A 331 -16.87 -5.52 -13.82
C ALA A 331 -18.03 -5.04 -14.69
N CYS A 332 -17.75 -4.29 -15.75
CA CYS A 332 -18.80 -3.83 -16.67
C CYS A 332 -19.29 -4.92 -17.59
N THR A 333 -18.57 -6.03 -17.70
CA THR A 333 -18.93 -7.08 -18.64
C THR A 333 -20.14 -7.87 -18.13
N PRO A 334 -20.95 -8.39 -19.05
CA PRO A 334 -22.12 -9.18 -18.61
C PRO A 334 -21.76 -10.43 -17.81
N MET A 335 -20.56 -10.98 -17.98
CA MET A 335 -20.19 -12.13 -17.17
C MET A 335 -20.07 -11.78 -15.69
N PHE A 336 -19.71 -10.53 -15.38
CA PHE A 336 -19.64 -10.12 -13.98
C PHE A 336 -21.03 -9.99 -13.36
N ARG A 337 -22.02 -9.55 -14.14
CA ARG A 337 -23.39 -9.56 -13.65
C ARG A 337 -23.86 -10.98 -13.37
N GLU A 338 -23.53 -11.91 -14.27
CA GLU A 338 -23.85 -13.31 -14.03
C GLU A 338 -23.02 -13.88 -12.88
N TYR A 339 -21.79 -13.41 -12.72
CA TYR A 339 -20.95 -13.86 -11.60
C TYR A 339 -21.53 -13.40 -10.27
N SER A 340 -21.85 -12.10 -10.16
CA SER A 340 -22.38 -11.58 -8.91
C SER A 340 -23.73 -12.22 -8.58
N LEU A 341 -24.57 -12.46 -9.60
CA LEU A 341 -25.83 -13.15 -9.37
C LEU A 341 -25.60 -14.56 -8.85
N GLN A 342 -24.51 -15.21 -9.29
CA GLN A 342 -24.23 -16.57 -8.82
C GLN A 342 -23.76 -16.58 -7.38
N VAL A 343 -22.99 -15.56 -6.98
CA VAL A 343 -22.51 -15.49 -5.60
C VAL A 343 -23.69 -15.41 -4.63
N LEU A 344 -24.72 -14.63 -4.99
CA LEU A 344 -25.92 -14.56 -4.17
C LEU A 344 -26.57 -15.93 -4.02
N LYS A 345 -26.86 -16.58 -5.16
CA LYS A 345 -27.58 -17.85 -5.13
C LYS A 345 -26.82 -18.89 -4.32
N ASN A 346 -25.49 -18.89 -4.39
CA ASN A 346 -24.69 -19.84 -3.62
C ASN A 346 -24.57 -19.45 -2.17
N ALA A 347 -24.59 -18.13 -1.89
CA ALA A 347 -24.67 -17.69 -0.50
C ALA A 347 -26.03 -18.02 0.09
N ARG A 348 -27.10 -17.85 -0.71
CA ARG A 348 -28.42 -18.27 -0.24
C ARG A 348 -28.51 -19.78 -0.13
N ALA A 349 -27.86 -20.52 -1.04
CA ALA A 349 -27.85 -21.97 -0.93
C ALA A 349 -27.07 -22.44 0.28
N MET A 350 -25.92 -21.81 0.54
CA MET A 350 -25.15 -22.14 1.73
C MET A 350 -25.91 -21.79 3.00
N ALA A 351 -26.69 -20.71 2.96
CA ALA A 351 -27.52 -20.34 4.11
C ALA A 351 -28.61 -21.37 4.35
N ASP A 352 -29.32 -21.76 3.29
CA ASP A 352 -30.40 -22.74 3.46
C ASP A 352 -29.83 -24.10 3.85
N ALA A 353 -28.72 -24.51 3.23
CA ALA A 353 -28.13 -25.81 3.56
C ALA A 353 -27.68 -25.85 5.02
N LEU A 354 -27.10 -24.75 5.51
CA LEU A 354 -26.68 -24.72 6.91
C LEU A 354 -27.87 -24.72 7.85
N LEU A 355 -28.95 -24.04 7.46
CA LEU A 355 -30.18 -24.08 8.27
C LEU A 355 -30.75 -25.48 8.32
N GLU A 356 -30.80 -26.17 7.18
CA GLU A 356 -31.36 -27.51 7.08
C GLU A 356 -30.43 -28.58 7.64
N ARG A 357 -29.28 -28.19 8.21
CA ARG A 357 -28.44 -29.12 8.97
C ARG A 357 -28.39 -28.75 10.44
N GLY A 358 -29.27 -27.84 10.89
CA GLY A 358 -29.38 -27.47 12.27
C GLY A 358 -28.79 -26.11 12.61
N TYR A 359 -27.88 -25.60 11.80
CA TYR A 359 -27.17 -24.36 12.12
C TYR A 359 -28.10 -23.16 12.03
N SER A 360 -28.14 -22.36 13.09
CA SER A 360 -28.82 -21.08 13.04
C SER A 360 -27.87 -20.01 12.50
N LEU A 361 -28.43 -19.03 11.82
CA LEU A 361 -27.65 -17.97 11.20
C LEU A 361 -28.08 -16.62 11.74
N VAL A 362 -27.08 -15.79 12.08
CA VAL A 362 -27.38 -14.45 12.55
C VAL A 362 -28.16 -13.69 11.50
N SER A 363 -29.22 -13.00 11.93
CA SER A 363 -30.17 -12.27 11.11
C SER A 363 -31.04 -13.20 10.27
N GLY A 364 -30.83 -14.51 10.33
CA GLY A 364 -31.60 -15.43 9.51
C GLY A 364 -31.28 -15.33 8.04
N GLY A 365 -30.46 -16.24 7.53
CA GLY A 365 -30.13 -16.23 6.12
C GLY A 365 -29.17 -15.12 5.74
N THR A 366 -29.28 -14.67 4.49
CA THR A 366 -28.40 -13.67 3.93
C THR A 366 -29.09 -12.95 2.79
N ASP A 367 -28.48 -11.83 2.38
CA ASP A 367 -28.94 -11.04 1.25
C ASP A 367 -27.76 -10.58 0.39
N ASN A 368 -26.55 -11.01 0.71
CA ASN A 368 -25.37 -10.64 -0.06
C ASN A 368 -24.51 -11.87 -0.36
N HIS A 369 -23.23 -11.78 -0.06
CA HIS A 369 -22.26 -12.80 -0.45
C HIS A 369 -21.79 -13.67 0.70
N LEU A 370 -22.12 -13.31 1.93
CA LEU A 370 -21.61 -14.02 3.10
C LEU A 370 -22.78 -14.50 3.95
N VAL A 371 -22.46 -15.39 4.88
CA VAL A 371 -23.43 -15.94 5.82
C VAL A 371 -22.83 -15.85 7.22
N LEU A 372 -23.58 -15.26 8.14
CA LEU A 372 -23.15 -15.15 9.54
C LEU A 372 -23.72 -16.35 10.28
N VAL A 373 -22.92 -17.39 10.43
CA VAL A 373 -23.39 -18.61 11.06
C VAL A 373 -23.25 -18.50 12.57
N ASP A 374 -24.21 -19.08 13.29
CA ASP A 374 -24.25 -19.05 14.74
C ASP A 374 -24.06 -20.48 15.25
N LEU A 375 -22.87 -20.77 15.76
CA LEU A 375 -22.52 -22.10 16.21
C LEU A 375 -22.81 -22.34 17.69
N ARG A 376 -23.39 -21.35 18.38
CA ARG A 376 -23.79 -21.50 19.77
C ARG A 376 -24.90 -22.54 19.93
N PRO A 377 -25.94 -22.58 19.07
CA PRO A 377 -26.94 -23.67 19.20
C PRO A 377 -26.43 -25.00 18.69
N LYS A 378 -25.12 -25.23 18.75
CA LYS A 378 -24.54 -26.51 18.41
C LYS A 378 -23.54 -27.01 19.44
N GLY A 379 -23.09 -26.16 20.37
CA GLY A 379 -22.16 -26.58 21.39
C GLY A 379 -20.70 -26.38 21.06
N LEU A 380 -20.40 -25.73 19.94
CA LEU A 380 -19.03 -25.44 19.56
C LEU A 380 -18.91 -23.96 19.23
N ASP A 381 -17.78 -23.37 19.65
CA ASP A 381 -17.52 -21.96 19.41
C ASP A 381 -17.09 -21.71 17.96
N GLY A 382 -16.55 -20.53 17.67
CA GLY A 382 -16.03 -20.24 16.36
C GLY A 382 -14.52 -20.37 16.34
N ALA A 383 -13.91 -20.56 17.50
CA ALA A 383 -12.45 -20.62 17.59
C ALA A 383 -11.93 -21.96 17.08
N ARG A 384 -12.14 -23.03 17.84
CA ARG A 384 -11.65 -24.34 17.43
C ARG A 384 -12.44 -24.92 16.27
N ALA A 385 -13.63 -24.39 15.97
CA ALA A 385 -14.31 -24.77 14.74
C ALA A 385 -13.53 -24.31 13.52
N GLU A 386 -12.92 -23.13 13.57
CA GLU A 386 -12.05 -22.69 12.49
C GLU A 386 -10.79 -23.55 12.42
N ARG A 387 -10.23 -23.89 13.58
CA ARG A 387 -9.01 -24.71 13.59
C ARG A 387 -9.29 -26.10 13.01
N VAL A 388 -10.46 -26.66 13.31
CA VAL A 388 -10.81 -27.97 12.75
C VAL A 388 -10.99 -27.88 11.24
N LEU A 389 -11.69 -26.84 10.77
CA LEU A 389 -11.90 -26.66 9.34
C LEU A 389 -10.61 -26.29 8.62
N GLU A 390 -9.75 -25.50 9.26
CA GLU A 390 -8.47 -25.15 8.64
C GLU A 390 -7.59 -26.38 8.48
N LEU A 391 -7.63 -27.30 9.45
CA LEU A 391 -6.83 -28.52 9.40
C LEU A 391 -7.23 -29.44 8.26
N VAL A 392 -8.36 -29.15 7.62
CA VAL A 392 -8.95 -30.02 6.61
C VAL A 392 -9.12 -29.26 5.28
N SER A 393 -8.36 -28.19 5.08
CA SER A 393 -8.37 -27.39 3.85
C SER A 393 -9.71 -26.69 3.62
N ILE A 394 -10.28 -26.14 4.68
CA ILE A 394 -11.47 -25.31 4.58
C ILE A 394 -11.20 -24.04 5.37
N THR A 395 -11.15 -22.89 4.68
CA THR A 395 -10.70 -21.64 5.27
C THR A 395 -11.88 -20.76 5.62
N ALA A 396 -11.98 -20.39 6.89
CA ALA A 396 -12.98 -19.45 7.36
C ALA A 396 -12.36 -18.67 8.50
N ASN A 397 -13.15 -17.83 9.15
CA ASN A 397 -12.68 -17.02 10.27
C ASN A 397 -13.75 -16.96 11.34
N LYS A 398 -13.33 -16.99 12.60
CA LYS A 398 -14.24 -16.79 13.72
C LYS A 398 -14.90 -15.42 13.64
N ASN A 399 -16.13 -15.34 14.12
CA ASN A 399 -16.89 -14.09 14.10
C ASN A 399 -17.70 -13.98 15.38
N THR A 400 -17.74 -12.78 15.94
CA THR A 400 -18.48 -12.54 17.17
C THR A 400 -19.96 -12.38 16.86
N CYS A 401 -20.80 -13.12 17.57
CA CYS A 401 -22.24 -13.13 17.41
C CYS A 401 -22.90 -12.34 18.53
N PRO A 402 -24.14 -11.85 18.31
CA PRO A 402 -24.87 -11.10 19.34
C PRO A 402 -25.05 -11.88 20.65
N ASP A 404 -22.99 -12.90 23.24
CA ASP A 404 -21.97 -13.58 24.03
C ASP A 404 -20.82 -12.63 24.40
N ARG A 405 -19.85 -13.15 25.14
CA ARG A 405 -18.69 -12.36 25.54
C ARG A 405 -17.52 -13.27 25.89
N ALA A 407 -14.80 -13.75 24.43
CA ALA A 407 -13.37 -13.85 24.68
C ALA A 407 -12.65 -14.50 23.51
N ILE A 408 -11.70 -15.39 23.82
CA ILE A 408 -10.97 -16.12 22.78
C ILE A 408 -11.83 -17.15 22.07
N THR A 409 -13.07 -17.37 22.53
CA THR A 409 -14.00 -18.33 21.94
C THR A 409 -15.21 -17.56 21.44
N PRO A 410 -15.16 -17.02 20.22
CA PRO A 410 -16.30 -16.26 19.71
C PRO A 410 -17.51 -17.13 19.41
N GLY A 411 -18.60 -16.51 18.97
CA GLY A 411 -19.82 -17.23 18.68
C GLY A 411 -19.72 -18.20 17.52
N GLY A 412 -19.81 -17.68 16.30
CA GLY A 412 -19.76 -18.53 15.13
C GLY A 412 -18.62 -18.24 14.18
N LEU A 413 -18.87 -18.42 12.89
CA LEU A 413 -17.88 -18.19 11.85
C LEU A 413 -18.50 -17.33 10.75
N ARG A 414 -17.65 -16.88 9.84
CA ARG A 414 -18.09 -16.12 8.68
C ARG A 414 -17.65 -16.89 7.44
N LEU A 415 -18.61 -17.31 6.63
CA LEU A 415 -18.35 -18.06 5.41
C LEU A 415 -18.68 -17.21 4.21
N GLY A 416 -17.77 -17.22 3.22
CA GLY A 416 -17.96 -16.43 2.03
C GLY A 416 -18.11 -17.24 0.77
N ALA A 417 -18.77 -16.67 -0.22
CA ALA A 417 -19.05 -17.30 -1.51
C ALA A 417 -18.23 -16.76 -2.68
N PRO A 418 -17.82 -15.48 -2.73
CA PRO A 418 -17.15 -14.98 -3.94
C PRO A 418 -15.91 -15.78 -4.35
N ALA A 419 -15.14 -16.30 -3.40
CA ALA A 419 -13.93 -17.03 -3.75
C ALA A 419 -14.24 -18.28 -4.56
N LEU A 420 -15.06 -19.17 -4.01
CA LEU A 420 -15.38 -20.41 -4.70
C LEU A 420 -16.23 -20.17 -5.93
N THR A 421 -17.12 -19.19 -5.89
CA THR A 421 -17.91 -18.87 -7.08
C THR A 421 -17.02 -18.52 -8.27
N SER A 422 -15.86 -17.91 -8.02
CA SER A 422 -14.94 -17.60 -9.10
C SER A 422 -14.37 -18.86 -9.74
N ARG A 423 -14.54 -20.02 -9.10
CA ARG A 423 -14.23 -21.31 -9.69
C ARG A 423 -15.48 -22.00 -10.25
N GLN A 424 -16.50 -21.21 -10.60
CA GLN A 424 -17.79 -21.71 -11.10
C GLN A 424 -18.44 -22.69 -10.12
N PHE A 425 -18.35 -22.39 -8.83
CA PHE A 425 -19.17 -23.12 -7.87
C PHE A 425 -20.62 -22.67 -8.01
N ARG A 426 -21.53 -23.63 -7.95
CA ARG A 426 -22.95 -23.34 -8.04
C ARG A 426 -23.66 -23.90 -6.81
N GLU A 427 -24.99 -23.77 -6.80
CA GLU A 427 -25.79 -24.08 -5.61
C GLU A 427 -25.50 -25.49 -5.10
N ASP A 428 -25.50 -26.48 -6.00
CA ASP A 428 -25.21 -27.84 -5.58
C ASP A 428 -23.78 -27.99 -5.07
N ASP A 429 -22.84 -27.24 -5.63
CA ASP A 429 -21.46 -27.30 -5.16
C ASP A 429 -21.35 -26.82 -3.72
N PHE A 430 -22.04 -25.72 -3.39
CA PHE A 430 -21.99 -25.18 -2.04
C PHE A 430 -22.74 -26.05 -1.04
N ARG A 431 -23.70 -26.87 -1.50
CA ARG A 431 -24.34 -27.82 -0.60
C ARG A 431 -23.36 -28.89 -0.15
N ARG A 432 -22.43 -29.30 -1.02
CA ARG A 432 -21.35 -30.18 -0.58
C ARG A 432 -20.40 -29.47 0.36
N VAL A 433 -20.22 -28.16 0.18
CA VAL A 433 -19.38 -27.38 1.08
C VAL A 433 -19.96 -27.41 2.48
N VAL A 434 -21.27 -27.18 2.60
CA VAL A 434 -21.92 -27.20 3.91
C VAL A 434 -21.79 -28.57 4.55
N ASP A 435 -21.97 -29.64 3.75
CA ASP A 435 -21.85 -30.98 4.29
C ASP A 435 -20.41 -31.29 4.70
N PHE A 436 -19.44 -30.80 3.93
CA PHE A 436 -18.04 -30.94 4.32
C PHE A 436 -17.76 -30.15 5.60
N ILE A 437 -18.42 -29.00 5.77
CA ILE A 437 -18.26 -28.23 6.99
C ILE A 437 -18.89 -28.97 8.17
N ASP A 438 -20.09 -29.51 7.96
CA ASP A 438 -20.79 -30.22 9.04
C ASP A 438 -19.97 -31.38 9.57
N GLU A 439 -19.28 -32.10 8.68
CA GLU A 439 -18.42 -33.19 9.14
C GLU A 439 -17.29 -32.66 10.02
N GLY A 440 -16.70 -31.53 9.63
CA GLY A 440 -15.66 -30.93 10.45
C GLY A 440 -16.18 -30.50 11.81
N VAL A 441 -17.39 -29.93 11.84
CA VAL A 441 -17.98 -29.51 13.11
C VAL A 441 -18.23 -30.72 14.01
N ASN A 442 -18.70 -31.83 13.43
CA ASN A 442 -18.97 -33.03 14.22
C ASN A 442 -17.68 -33.60 14.80
N ILE A 443 -16.57 -33.51 14.06
CA ILE A 443 -15.28 -33.87 14.63
C ILE A 443 -14.88 -32.87 15.69
N GLY A 444 -15.20 -31.60 15.49
CA GLY A 444 -14.86 -30.58 16.49
C GLY A 444 -15.63 -30.79 17.79
N LEU A 445 -16.92 -31.10 17.69
CA LEU A 445 -17.70 -31.44 18.88
C LEU A 445 -17.20 -32.72 19.53
N GLU A 446 -16.53 -33.58 18.78
CA GLU A 446 -16.03 -34.86 19.27
C GLU A 446 -14.60 -34.78 19.78
N VAL A 447 -13.96 -33.60 19.75
CA VAL A 447 -12.62 -33.47 20.31
C VAL A 447 -12.73 -32.66 21.59
N LYS A 448 -13.71 -31.75 21.65
CA LYS A 448 -14.10 -31.18 22.93
C LYS A 448 -14.55 -32.26 23.90
N SER A 449 -14.91 -33.43 23.37
CA SER A 449 -15.02 -34.64 24.18
C SER A 449 -13.94 -34.70 25.27
N LYS A 450 -12.68 -34.86 24.87
CA LYS A 450 -11.61 -35.12 25.83
C LYS A 450 -10.63 -33.96 25.99
N THR A 451 -11.08 -32.74 25.71
CA THR A 451 -10.27 -31.54 25.83
C THR A 451 -11.05 -30.53 26.65
N ALA A 452 -10.32 -29.60 27.27
CA ALA A 452 -10.91 -28.60 28.13
C ALA A 452 -11.09 -27.28 27.39
N LYS A 453 -10.04 -26.46 27.35
CA LYS A 453 -10.12 -25.16 26.72
C LYS A 453 -9.77 -25.23 25.23
N LEU A 454 -8.84 -24.37 24.80
CA LEU A 454 -8.47 -24.29 23.39
C LEU A 454 -7.16 -25.00 23.08
N GLN A 455 -6.12 -24.79 23.90
CA GLN A 455 -4.86 -25.49 23.67
C GLN A 455 -5.04 -27.01 23.78
N ASP A 456 -5.86 -27.44 24.74
CA ASP A 456 -6.23 -28.85 24.83
C ASP A 456 -6.84 -29.34 23.52
N PHE A 457 -7.66 -28.49 22.90
CA PHE A 457 -8.31 -28.86 21.65
C PHE A 457 -7.29 -29.04 20.53
N LYS A 458 -6.57 -27.98 20.18
CA LYS A 458 -5.68 -28.02 19.02
C LYS A 458 -4.58 -29.06 19.18
N SER A 459 -4.13 -29.31 20.41
CA SER A 459 -3.09 -30.31 20.61
C SER A 459 -3.62 -31.70 20.31
N PHE A 460 -4.88 -31.98 20.67
CA PHE A 460 -5.47 -33.29 20.42
C PHE A 460 -5.64 -33.54 18.92
N LEU A 461 -5.95 -32.50 18.15
CA LEU A 461 -6.12 -32.68 16.71
C LEU A 461 -4.83 -33.08 16.01
N LEU A 462 -3.68 -32.87 16.65
CA LEU A 462 -2.40 -33.22 16.04
C LEU A 462 -1.68 -34.36 16.76
N LYS A 463 -2.16 -34.77 17.95
CA LYS A 463 -1.45 -35.73 18.77
C LYS A 463 -2.02 -37.14 18.66
N ASP A 464 -3.31 -37.31 18.96
CA ASP A 464 -3.90 -38.64 18.99
C ASP A 464 -4.14 -39.15 17.58
N SER A 465 -3.70 -40.38 17.31
CA SER A 465 -3.70 -40.93 15.97
C SER A 465 -5.09 -41.15 15.41
N GLU A 466 -6.12 -41.30 16.24
CA GLU A 466 -7.46 -41.48 15.70
C GLU A 466 -7.98 -40.17 15.11
N THR A 467 -7.91 -39.08 15.88
CA THR A 467 -8.44 -37.80 15.42
C THR A 467 -7.72 -37.32 14.17
N SER A 468 -6.39 -37.46 14.12
CA SER A 468 -5.65 -36.97 12.96
C SER A 468 -6.05 -37.70 11.69
N GLN A 469 -6.26 -39.02 11.77
CA GLN A 469 -6.63 -39.78 10.58
C GLN A 469 -8.01 -39.37 10.06
N ARG A 470 -8.97 -39.16 10.96
CA ARG A 470 -10.29 -38.72 10.51
C ARG A 470 -10.22 -37.34 9.88
N LEU A 471 -9.37 -36.47 10.41
CA LEU A 471 -9.15 -35.17 9.77
C LEU A 471 -8.42 -35.32 8.45
N ALA A 472 -7.41 -36.20 8.42
CA ALA A 472 -6.67 -36.44 7.18
C ALA A 472 -7.56 -37.09 6.13
N ASN A 473 -8.41 -38.04 6.53
CA ASN A 473 -9.32 -38.66 5.59
C ASN A 473 -10.31 -37.64 5.01
N LEU A 474 -10.84 -36.76 5.87
CA LEU A 474 -11.73 -35.70 5.39
C LEU A 474 -10.97 -34.71 4.53
N ARG A 475 -9.65 -34.60 4.71
CA ARG A 475 -8.85 -33.68 3.90
C ARG A 475 -8.70 -34.19 2.48
N GLN A 476 -8.40 -35.48 2.32
CA GLN A 476 -8.28 -36.05 0.99
C GLN A 476 -9.57 -35.88 0.20
N ARG A 477 -10.72 -36.07 0.85
CA ARG A 477 -12.00 -35.92 0.17
C ARG A 477 -12.32 -34.47 -0.11
N VAL A 478 -11.87 -33.59 0.79
CA VAL A 478 -12.09 -32.15 0.65
C VAL A 478 -11.19 -31.59 -0.45
N GLU A 479 -9.91 -31.96 -0.44
CA GLU A 479 -8.99 -31.48 -1.47
C GLU A 479 -9.31 -32.08 -2.83
N GLN A 480 -9.79 -33.32 -2.87
CA GLN A 480 -10.16 -33.93 -4.13
C GLN A 480 -11.33 -33.18 -4.78
N PHE A 481 -12.31 -32.75 -3.97
CA PHE A 481 -13.46 -32.04 -4.51
C PHE A 481 -13.08 -30.63 -4.97
N ALA A 482 -12.07 -30.03 -4.34
CA ALA A 482 -11.71 -28.66 -4.67
C ALA A 482 -10.83 -28.59 -5.91
N ARG A 483 -9.83 -29.48 -6.01
CA ARG A 483 -8.89 -29.42 -7.11
C ARG A 483 -9.56 -29.56 -8.48
N ALA A 484 -10.73 -30.17 -8.54
CA ALA A 484 -11.37 -30.41 -9.83
C ALA A 484 -11.76 -29.10 -10.51
N PHE A 485 -12.18 -28.11 -9.73
CA PHE A 485 -12.57 -26.84 -10.31
C PHE A 485 -11.34 -26.06 -10.76
N PRO A 486 -11.46 -25.26 -11.81
CA PRO A 486 -10.31 -24.46 -12.26
C PRO A 486 -10.10 -23.26 -11.36
N MET A 487 -8.95 -22.62 -11.56
CA MET A 487 -8.50 -21.54 -10.69
C MET A 487 -8.14 -20.34 -11.55
N PRO A 488 -8.76 -19.17 -11.35
CA PRO A 488 -8.33 -17.97 -12.07
C PRO A 488 -6.89 -17.62 -11.75
N GLY A 489 -6.26 -16.89 -12.66
CA GLY A 489 -4.87 -16.51 -12.49
C GLY A 489 -3.90 -17.37 -13.27
N PHE A 490 -2.66 -17.47 -12.81
CA PHE A 490 -1.65 -18.28 -13.47
C PHE A 490 -1.89 -19.75 -13.13
N ASP A 491 -0.94 -20.60 -13.51
CA ASP A 491 -1.06 -22.03 -13.27
C ASP A 491 -0.20 -22.51 -12.10
N GLU A 492 1.02 -22.00 -11.97
CA GLU A 492 1.95 -22.46 -10.95
C GLU A 492 2.30 -21.40 -9.92
N HIS A 493 1.75 -20.19 -10.04
CA HIS A 493 1.98 -19.14 -9.04
C HIS A 493 0.87 -18.10 -9.06
N TRP B 32 -15.58 -17.43 -19.19
CA TRP B 32 -14.58 -16.67 -18.44
C TRP B 32 -13.87 -17.57 -17.44
N THR B 33 -12.55 -17.70 -17.60
CA THR B 33 -11.75 -18.57 -16.75
C THR B 33 -10.81 -17.82 -15.82
N GLY B 34 -10.64 -16.51 -16.01
CA GLY B 34 -9.65 -15.79 -15.23
C GLY B 34 -8.21 -16.18 -15.51
N GLN B 35 -7.95 -16.83 -16.64
CA GLN B 35 -6.60 -17.26 -17.02
C GLN B 35 -6.18 -16.72 -18.38
N GLU B 36 -6.90 -15.75 -18.92
CA GLU B 36 -6.57 -15.17 -20.22
C GLU B 36 -5.50 -14.09 -20.05
N SER B 37 -4.62 -14.01 -21.05
CA SER B 37 -3.55 -13.03 -21.01
C SER B 37 -4.12 -11.62 -21.05
N LEU B 38 -3.32 -10.66 -20.56
CA LEU B 38 -3.74 -9.28 -20.58
C LEU B 38 -3.87 -8.75 -22.01
N SER B 39 -2.97 -9.17 -22.91
CA SER B 39 -3.07 -8.71 -24.29
C SER B 39 -4.42 -9.08 -24.92
N ASP B 40 -4.90 -10.28 -24.64
CA ASP B 40 -6.18 -10.72 -25.21
C ASP B 40 -7.37 -10.18 -24.42
N SER B 41 -7.26 -10.15 -23.09
CA SER B 41 -8.40 -9.75 -22.28
C SER B 41 -8.63 -8.24 -22.34
N ASP B 42 -7.58 -7.46 -22.14
CA ASP B 42 -7.68 -6.00 -22.09
C ASP B 42 -6.62 -5.41 -23.01
N PRO B 43 -6.92 -5.29 -24.31
CA PRO B 43 -5.92 -4.71 -25.22
C PRO B 43 -5.66 -3.24 -24.98
N GLU B 44 -6.65 -2.50 -24.46
CA GLU B 44 -6.43 -1.08 -24.16
C GLU B 44 -5.40 -0.91 -23.05
N MET B 45 -5.49 -1.72 -22.00
CA MET B 45 -4.52 -1.63 -20.91
C MET B 45 -3.18 -2.21 -21.32
N TRP B 46 -3.18 -3.25 -22.15
CA TRP B 46 -1.93 -3.86 -22.59
C TRP B 46 -1.11 -2.89 -23.44
N GLU B 47 -1.78 -2.06 -24.25
CA GLU B 47 -1.05 -1.06 -25.01
C GLU B 47 -0.37 -0.06 -24.10
N LEU B 48 -1.07 0.37 -23.04
CA LEU B 48 -0.49 1.32 -22.10
C LEU B 48 0.67 0.71 -21.33
N LEU B 49 0.56 -0.56 -20.94
CA LEU B 49 1.69 -1.21 -20.28
C LEU B 49 2.90 -1.25 -21.19
N GLN B 50 2.68 -1.45 -22.49
CA GLN B 50 3.80 -1.51 -23.42
C GLN B 50 4.36 -0.12 -23.72
N ARG B 51 3.50 0.91 -23.75
CA ARG B 51 3.99 2.26 -23.98
C ARG B 51 4.86 2.73 -22.83
N GLU B 52 4.47 2.40 -21.60
CA GLU B 52 5.31 2.75 -20.45
C GLU B 52 6.60 1.93 -20.44
N LYS B 53 6.51 0.65 -20.83
CA LYS B 53 7.72 -0.15 -20.94
C LYS B 53 8.67 0.45 -21.96
N ASP B 54 8.15 0.87 -23.12
CA ASP B 54 9.00 1.49 -24.12
C ASP B 54 9.57 2.81 -23.60
N ARG B 55 8.80 3.55 -22.80
CA ARG B 55 9.29 4.81 -22.27
C ARG B 55 10.45 4.59 -21.31
N GLN B 56 10.42 3.50 -20.55
CA GLN B 56 11.52 3.19 -19.64
C GLN B 56 12.73 2.64 -20.39
N CYS B 57 12.50 1.84 -21.44
CA CYS B 57 13.60 1.29 -22.22
C CYS B 57 14.38 2.39 -22.94
N ARG B 58 13.70 3.43 -23.42
CA ARG B 58 14.30 4.44 -24.28
C ARG B 58 14.74 5.70 -23.54
N GLY B 59 14.35 5.88 -22.29
CA GLY B 59 14.64 7.10 -21.57
C GLY B 59 15.89 7.00 -20.72
N LEU B 60 16.48 8.14 -20.44
CA LEU B 60 17.55 8.23 -19.45
C LEU B 60 16.90 8.60 -18.13
N GLU B 61 16.62 7.60 -17.32
CA GLU B 61 15.85 7.78 -16.09
C GLU B 61 16.78 8.19 -14.96
N LEU B 62 16.72 9.45 -14.55
CA LEU B 62 17.61 9.99 -13.54
C LEU B 62 16.90 10.33 -12.24
N ILE B 63 15.65 9.91 -12.07
CA ILE B 63 14.94 10.11 -10.81
C ILE B 63 15.63 9.29 -9.73
N ALA B 64 16.25 9.97 -8.77
CA ALA B 64 17.10 9.30 -7.78
C ALA B 64 16.36 8.24 -6.99
N SER B 65 15.02 8.30 -6.94
CA SER B 65 14.23 7.33 -6.19
C SER B 65 13.71 6.17 -7.04
N GLU B 66 13.89 6.23 -8.35
CA GLU B 66 13.38 5.17 -9.21
C GLU B 66 14.44 4.11 -9.46
N ASN B 67 13.96 2.90 -9.74
CA ASN B 67 14.83 1.78 -10.08
C ASN B 67 14.05 0.85 -10.99
N PHE B 68 14.74 -0.12 -11.57
CA PHE B 68 14.13 -1.11 -12.45
C PHE B 68 14.09 -2.44 -11.72
N CYS B 69 12.90 -2.90 -11.37
CA CYS B 69 12.74 -4.09 -10.57
C CYS B 69 13.00 -5.35 -11.41
N SER B 70 13.66 -6.33 -10.80
CA SER B 70 13.96 -7.58 -11.49
C SER B 70 12.68 -8.36 -11.76
N ARG B 71 12.72 -9.16 -12.83
CA ARG B 71 11.56 -9.97 -13.18
C ARG B 71 11.25 -11.00 -12.10
N ALA B 72 12.26 -11.55 -11.45
CA ALA B 72 12.03 -12.50 -10.35
C ALA B 72 11.14 -11.89 -9.28
N ALA B 73 11.40 -10.63 -8.90
CA ALA B 73 10.56 -9.98 -7.91
C ALA B 73 9.19 -9.64 -8.49
N LEU B 74 9.14 -9.24 -9.76
CA LEU B 74 7.85 -8.94 -10.39
C LEU B 74 6.97 -10.18 -10.49
N GLU B 75 7.55 -11.36 -10.65
CA GLU B 75 6.75 -12.59 -10.69
C GLU B 75 6.04 -12.80 -9.37
N ALA B 76 6.75 -12.58 -8.25
CA ALA B 76 6.12 -12.68 -6.94
C ALA B 76 5.09 -11.57 -6.73
N LEU B 77 5.40 -10.35 -7.19
CA LEU B 77 4.49 -9.23 -6.97
C LEU B 77 3.15 -9.46 -7.65
N GLY B 78 3.16 -10.08 -8.84
CA GLY B 78 1.92 -10.40 -9.52
C GLY B 78 1.62 -11.88 -9.45
N SER B 79 1.29 -12.39 -8.27
CA SER B 79 1.09 -13.81 -8.05
C SER B 79 -0.22 -14.02 -7.30
N CYS B 80 -0.50 -15.28 -6.97
CA CYS B 80 -1.70 -15.63 -6.22
C CYS B 80 -1.69 -15.12 -4.80
N LEU B 81 -0.53 -14.68 -4.29
CA LEU B 81 -0.46 -14.12 -2.94
C LEU B 81 -1.34 -12.88 -2.79
N ASN B 82 -1.71 -12.25 -3.91
CA ASN B 82 -2.69 -11.17 -3.87
C ASN B 82 -4.02 -11.63 -3.29
N ASN B 83 -4.33 -12.93 -3.35
CA ASN B 83 -5.63 -13.43 -2.95
C ASN B 83 -5.75 -13.72 -1.45
N LYS B 84 -4.64 -13.81 -0.73
CA LYS B 84 -4.64 -14.33 0.64
C LYS B 84 -4.81 -13.19 1.64
N TYR B 85 -5.95 -13.19 2.36
CA TYR B 85 -6.18 -12.29 3.49
C TYR B 85 -5.58 -12.94 4.73
N SER B 86 -4.49 -12.35 5.25
CA SER B 86 -3.83 -12.90 6.41
C SER B 86 -3.53 -11.79 7.42
N GLU B 87 -4.59 -11.09 7.83
CA GLU B 87 -4.45 -10.01 8.79
C GLU B 87 -3.91 -10.54 10.11
N GLY B 88 -2.94 -9.82 10.67
CA GLY B 88 -2.25 -10.24 11.86
C GLY B 88 -0.76 -10.40 11.61
N TYR B 89 -0.16 -11.34 12.33
CA TYR B 89 1.27 -11.61 12.24
C TYR B 89 1.47 -13.12 12.38
N PRO B 90 2.55 -13.65 11.81
CA PRO B 90 2.72 -15.11 11.80
C PRO B 90 2.79 -15.68 13.21
N GLY B 91 1.94 -16.66 13.48
CA GLY B 91 1.74 -17.21 14.79
C GLY B 91 0.56 -16.59 15.53
N LYS B 92 0.27 -15.31 15.25
CA LYS B 92 -0.88 -14.61 15.82
C LYS B 92 -1.82 -14.16 14.72
N ARG B 93 -2.04 -15.03 13.73
CA ARG B 93 -2.93 -14.71 12.63
C ARG B 93 -4.39 -14.93 13.03
N TYR B 94 -5.27 -14.07 12.55
CA TYR B 94 -6.70 -14.18 12.78
C TYR B 94 -7.42 -14.84 11.61
N TYR B 95 -6.70 -15.60 10.80
CA TYR B 95 -7.25 -16.27 9.64
C TYR B 95 -6.76 -17.70 9.59
N GLY B 96 -7.47 -18.51 8.80
CA GLY B 96 -7.05 -19.87 8.52
C GLY B 96 -6.36 -19.96 7.18
N GLY B 97 -5.61 -21.04 7.00
CA GLY B 97 -4.93 -21.25 5.74
C GLY B 97 -3.80 -20.26 5.48
N ALA B 98 -3.20 -19.71 6.54
CA ALA B 98 -2.07 -18.81 6.41
C ALA B 98 -0.75 -19.51 6.62
N GLU B 99 -0.70 -20.83 6.37
CA GLU B 99 0.52 -21.59 6.63
C GLU B 99 1.67 -21.16 5.73
N VAL B 100 1.40 -20.90 4.44
CA VAL B 100 2.49 -20.60 3.51
C VAL B 100 2.88 -19.13 3.61
N VAL B 101 1.91 -18.23 3.65
CA VAL B 101 2.22 -16.81 3.75
C VAL B 101 2.93 -16.47 5.05
N ASP B 102 2.77 -17.29 6.09
CA ASP B 102 3.55 -17.07 7.31
C ASP B 102 5.02 -17.40 7.07
N GLU B 103 5.30 -18.43 6.27
CA GLU B 103 6.68 -18.74 5.94
C GLU B 103 7.29 -17.67 5.04
N ILE B 104 6.49 -17.13 4.13
CA ILE B 104 6.98 -16.06 3.26
C ILE B 104 7.31 -14.81 4.08
N GLU B 105 6.43 -14.45 5.01
CA GLU B 105 6.72 -13.30 5.86
C GLU B 105 7.91 -13.57 6.78
N LEU B 106 8.00 -14.79 7.33
CA LEU B 106 9.15 -15.13 8.16
C LEU B 106 10.44 -15.11 7.36
N LEU B 107 10.41 -15.63 6.13
CA LEU B 107 11.59 -15.59 5.28
C LEU B 107 11.97 -14.16 4.95
N CYS B 108 10.97 -13.32 4.63
CA CYS B 108 11.24 -11.93 4.32
C CYS B 108 11.86 -11.20 5.51
N GLN B 109 11.39 -11.51 6.72
CA GLN B 109 11.98 -10.93 7.91
C GLN B 109 13.44 -11.37 8.09
N ARG B 110 13.71 -12.67 7.94
CA ARG B 110 15.07 -13.16 8.10
C ARG B 110 15.98 -12.61 7.00
N ARG B 111 15.46 -12.50 5.77
CA ARG B 111 16.27 -11.93 4.70
C ARG B 111 16.51 -10.44 4.90
N ALA B 112 15.55 -9.74 5.53
CA ALA B 112 15.74 -8.32 5.80
C ALA B 112 16.83 -8.09 6.84
N LEU B 113 16.85 -8.90 7.89
CA LEU B 113 17.90 -8.76 8.89
C LEU B 113 19.26 -9.20 8.35
N GLU B 114 19.27 -10.22 7.48
CA GLU B 114 20.54 -10.68 6.92
C GLU B 114 21.13 -9.64 5.96
N ALA B 115 20.29 -9.06 5.11
CA ALA B 115 20.77 -8.08 4.15
C ALA B 115 21.42 -6.87 4.81
N PHE B 116 21.10 -6.59 6.07
CA PHE B 116 21.68 -5.47 6.79
C PHE B 116 22.51 -5.91 7.99
N ASP B 117 22.85 -7.20 8.06
CA ASP B 117 23.81 -7.73 9.02
C ASP B 117 23.39 -7.44 10.46
N LEU B 118 22.17 -7.88 10.80
CA LEU B 118 21.57 -7.59 12.09
C LEU B 118 21.37 -8.87 12.88
N ASP B 119 21.76 -8.85 14.14
CA ASP B 119 21.51 -9.97 15.04
C ASP B 119 20.03 -10.03 15.36
N PRO B 120 19.34 -11.16 15.10
CA PRO B 120 17.92 -11.23 15.44
C PRO B 120 17.64 -11.08 16.93
N ALA B 121 18.65 -11.20 17.78
CA ALA B 121 18.46 -10.99 19.21
C ALA B 121 18.38 -9.51 19.57
N GLN B 122 18.82 -8.62 18.69
CA GLN B 122 18.79 -7.18 18.99
C GLN B 122 18.13 -6.36 17.88
N TRP B 123 17.51 -7.00 16.89
CA TRP B 123 16.82 -6.29 15.82
C TRP B 123 15.63 -7.10 15.35
N GLY B 124 14.49 -6.43 15.19
CA GLY B 124 13.35 -7.02 14.52
C GLY B 124 12.90 -6.12 13.40
N VAL B 125 12.09 -6.69 12.50
CA VAL B 125 11.66 -5.99 11.29
C VAL B 125 10.20 -6.33 11.01
N ASN B 126 9.42 -5.31 10.68
CA ASN B 126 8.04 -5.45 10.26
C ASN B 126 7.96 -5.19 8.76
N VAL B 127 7.53 -6.21 8.00
CA VAL B 127 7.59 -6.19 6.54
C VAL B 127 6.26 -5.87 5.90
N GLN B 128 5.29 -5.42 6.67
CA GLN B 128 3.95 -5.16 6.14
C GLN B 128 3.65 -3.72 5.73
N PRO B 129 4.45 -2.70 6.04
CA PRO B 129 4.13 -1.35 5.55
C PRO B 129 3.93 -1.33 4.04
N TYR B 130 2.82 -0.72 3.62
CA TYR B 130 2.49 -0.66 2.20
C TYR B 130 3.52 0.13 1.41
N SER B 131 4.11 1.17 1.99
CA SER B 131 5.10 2.00 1.32
C SER B 131 5.97 2.67 2.41
N GLY B 132 6.65 3.74 2.01
CA GLY B 132 7.53 4.43 2.94
C GLY B 132 6.75 5.38 3.81
N SER B 133 5.79 6.07 3.21
CA SER B 133 4.92 6.94 4.00
C SER B 133 4.12 6.18 5.05
N PRO B 134 3.44 5.07 4.73
CA PRO B 134 2.79 4.30 5.81
C PRO B 134 3.78 3.70 6.80
N ALA B 135 5.02 3.49 6.39
CA ALA B 135 6.03 2.97 7.31
C ALA B 135 6.36 4.02 8.37
N ASN B 136 6.62 5.26 7.96
CA ASN B 136 6.98 6.31 8.90
C ASN B 136 5.80 6.70 9.79
N LEU B 137 4.59 6.70 9.23
CA LEU B 137 3.42 7.02 10.04
C LEU B 137 3.18 5.95 11.10
N ALA B 138 3.49 4.69 10.78
CA ALA B 138 3.34 3.62 11.77
C ALA B 138 4.31 3.80 12.93
N VAL B 139 5.52 4.26 12.65
CA VAL B 139 6.49 4.48 13.72
C VAL B 139 6.01 5.58 14.66
N TYR B 140 5.54 6.70 14.12
CA TYR B 140 5.06 7.78 14.97
C TYR B 140 3.86 7.31 15.79
N THR B 141 2.91 6.64 15.14
CA THR B 141 1.73 6.13 15.85
C THR B 141 2.12 5.14 16.93
N ALA B 142 3.14 4.31 16.69
CA ALA B 142 3.55 3.33 17.68
C ALA B 142 4.15 3.99 18.91
N LEU B 143 5.11 4.89 18.70
CA LEU B 143 5.94 5.42 19.78
C LEU B 143 5.43 6.73 20.36
N LEU B 144 4.63 7.50 19.63
CA LEU B 144 4.22 8.81 20.08
C LEU B 144 2.71 8.87 20.26
N GLN B 145 2.27 9.88 21.01
CA GLN B 145 0.87 10.24 21.17
C GLN B 145 0.50 11.34 20.18
N PRO B 146 -0.78 11.48 19.85
CA PRO B 146 -1.18 12.58 18.98
C PRO B 146 -0.64 13.91 19.51
N HIS B 147 -0.12 14.72 18.60
CA HIS B 147 0.48 16.03 18.86
C HIS B 147 1.82 15.95 19.57
N ASP B 148 2.38 14.76 19.78
CA ASP B 148 3.77 14.68 20.21
C ASP B 148 4.70 15.21 19.12
N ARG B 149 5.91 15.56 19.52
CA ARG B 149 6.79 16.38 18.70
C ARG B 149 7.82 15.54 17.95
N ILE B 150 8.02 15.88 16.68
CA ILE B 150 9.05 15.27 15.85
C ILE B 150 9.84 16.37 15.16
N MET B 151 11.09 16.04 14.82
CA MET B 151 11.94 16.93 14.05
C MET B 151 12.51 16.16 12.89
N GLY B 152 12.32 16.70 11.68
CA GLY B 152 12.92 16.14 10.49
C GLY B 152 13.50 17.25 9.65
N LEU B 153 14.38 16.87 8.72
CA LEU B 153 14.92 17.83 7.78
C LEU B 153 13.80 18.42 6.94
N ASP B 154 13.76 19.75 6.86
CA ASP B 154 12.71 20.43 6.11
C ASP B 154 12.66 19.93 4.67
N LEU B 155 11.48 19.96 4.07
CA LEU B 155 11.31 19.39 2.73
C LEU B 155 12.16 20.10 1.69
N PRO B 156 12.13 21.43 1.53
CA PRO B 156 13.02 22.07 0.55
C PRO B 156 14.50 21.90 0.88
N ASP B 157 14.84 21.44 2.08
CA ASP B 157 16.22 21.18 2.45
C ASP B 157 16.67 19.76 2.15
N GLY B 158 15.77 18.89 1.70
CA GLY B 158 16.11 17.51 1.37
C GLY B 158 15.35 16.48 2.18
N GLY B 159 14.54 16.87 3.17
CA GLY B 159 13.77 15.90 3.92
C GLY B 159 12.47 15.52 3.22
N HIS B 160 11.91 14.39 3.63
CA HIS B 160 10.69 13.91 3.00
C HIS B 160 9.47 14.56 3.65
N LEU B 161 8.33 14.46 2.94
CA LEU B 161 7.06 14.91 3.50
C LEU B 161 6.79 14.26 4.86
N THR B 162 6.94 12.94 4.93
CA THR B 162 6.60 12.19 6.13
C THR B 162 7.56 12.42 7.28
N HIS B 163 8.51 13.33 7.12
CA HIS B 163 9.35 13.79 8.23
C HIS B 163 8.75 14.99 8.93
N GLY B 164 7.48 15.28 8.68
CA GLY B 164 6.77 16.35 9.35
C GLY B 164 6.59 17.62 8.56
N TYR B 165 6.55 17.56 7.22
CA TYR B 165 6.61 18.79 6.44
C TYR B 165 5.35 19.62 6.59
N MET B 166 5.54 20.89 6.87
CA MET B 166 4.45 21.84 7.08
C MET B 166 4.94 23.19 6.60
N SER B 167 4.25 23.75 5.62
CA SER B 167 4.62 25.06 5.09
C SER B 167 4.13 26.16 6.03
N ASP B 168 4.48 27.41 5.70
CA ASP B 168 4.04 28.56 6.48
C ASP B 168 2.54 28.82 6.38
N VAL B 169 1.85 28.17 5.45
CA VAL B 169 0.43 28.42 5.21
C VAL B 169 -0.42 27.23 5.61
N LYS B 170 0.06 26.01 5.37
CA LYS B 170 -0.78 24.83 5.47
C LYS B 170 0.04 23.66 6.00
N ARG B 171 -0.59 22.83 6.83
CA ARG B 171 -0.03 21.54 7.19
C ARG B 171 -0.11 20.63 5.96
N ILE B 172 1.05 20.22 5.45
CA ILE B 172 1.10 19.45 4.20
C ILE B 172 0.97 17.97 4.52
N SER B 173 2.00 17.39 5.14
CA SER B 173 1.99 15.98 5.46
C SER B 173 1.12 15.71 6.68
N ALA B 174 0.47 14.54 6.68
CA ALA B 174 -0.32 14.13 7.83
C ALA B 174 0.54 13.89 9.06
N THR B 175 1.85 13.71 8.89
CA THR B 175 2.75 13.62 10.03
C THR B 175 2.90 14.96 10.73
N SER B 176 2.48 16.05 10.11
CA SER B 176 2.42 17.36 10.74
C SER B 176 1.00 17.75 11.15
N ILE B 177 0.04 16.85 10.98
CA ILE B 177 -1.34 17.07 11.43
C ILE B 177 -1.62 16.30 12.73
N PHE B 178 -1.32 15.00 12.72
CA PHE B 178 -1.50 14.18 13.90
C PHE B 178 -0.36 14.31 14.89
N PHE B 179 0.76 14.91 14.47
CA PHE B 179 1.88 15.17 15.36
C PHE B 179 2.40 16.57 15.06
N GLU B 180 3.12 17.13 16.04
CA GLU B 180 3.64 18.48 15.92
C GLU B 180 5.09 18.39 15.46
N SER B 181 5.41 19.09 14.39
CA SER B 181 6.71 18.98 13.77
C SER B 181 7.36 20.34 13.71
N MET B 182 8.67 20.36 13.95
CA MET B 182 9.50 21.52 13.72
C MET B 182 10.68 21.01 12.91
N PRO B 183 10.96 21.58 11.75
CA PRO B 183 12.07 21.09 10.94
C PRO B 183 13.41 21.61 11.41
N TYR B 184 14.46 20.89 11.03
CA TYR B 184 15.81 21.42 11.05
C TYR B 184 16.29 21.60 9.63
N LYS B 185 17.26 22.49 9.44
CA LYS B 185 17.61 22.99 8.12
C LYS B 185 19.07 22.66 7.79
N LEU B 186 19.42 22.90 6.53
CA LEU B 186 20.80 22.82 6.11
C LEU B 186 21.51 24.14 6.38
N ASN B 187 22.83 24.06 6.53
CA ASN B 187 23.66 25.26 6.45
C ASN B 187 23.81 25.62 4.98
N PRO B 188 23.18 26.72 4.53
CA PRO B 188 23.19 27.01 3.09
C PRO B 188 24.57 27.27 2.51
N LYS B 189 25.55 27.66 3.33
CA LYS B 189 26.88 27.89 2.78
C LYS B 189 27.63 26.60 2.51
N THR B 190 27.26 25.50 3.16
CA THR B 190 27.92 24.21 2.97
C THR B 190 27.04 23.19 2.29
N GLY B 191 25.72 23.40 2.23
CA GLY B 191 24.81 22.38 1.79
C GLY B 191 24.64 21.21 2.73
N LEU B 192 25.27 21.24 3.90
CA LEU B 192 25.20 20.14 4.84
C LEU B 192 24.17 20.43 5.93
N ILE B 193 23.74 19.36 6.61
CA ILE B 193 22.84 19.51 7.74
C ILE B 193 23.53 20.34 8.82
N ASP B 194 22.80 21.32 9.35
CA ASP B 194 23.28 22.15 10.45
C ASP B 194 23.02 21.41 11.76
N TYR B 195 23.88 20.44 12.05
CA TYR B 195 23.73 19.67 13.27
C TYR B 195 23.79 20.56 14.51
N ASN B 196 24.57 21.64 14.47
CA ASN B 196 24.63 22.53 15.63
C ASN B 196 23.29 23.21 15.87
N GLN B 197 22.69 23.76 14.82
CA GLN B 197 21.38 24.38 14.97
C GLN B 197 20.30 23.36 15.31
N LEU B 198 20.47 22.11 14.88
CA LEU B 198 19.54 21.07 15.29
C LEU B 198 19.63 20.85 16.79
N ALA B 199 20.84 20.75 17.32
CA ALA B 199 21.02 20.52 18.76
C ALA B 199 20.46 21.69 19.56
N LEU B 200 20.63 22.90 19.07
CA LEU B 200 20.09 24.07 19.77
C LEU B 200 18.57 24.03 19.77
N THR B 201 17.97 23.92 18.59
CA THR B 201 16.51 23.97 18.49
C THR B 201 15.85 22.77 19.15
N ALA B 202 16.52 21.61 19.16
CA ALA B 202 15.92 20.44 19.80
C ALA B 202 15.88 20.61 21.31
N ARG B 203 16.86 21.29 21.91
CA ARG B 203 16.83 21.53 23.35
C ARG B 203 15.62 22.38 23.75
N LEU B 204 15.20 23.29 22.88
CA LEU B 204 14.04 24.15 23.11
C LEU B 204 12.74 23.49 22.70
N PHE B 205 12.72 22.83 21.54
CA PHE B 205 11.50 22.21 21.03
C PHE B 205 11.15 20.94 21.80
N ARG B 206 12.17 20.20 22.28
CA ARG B 206 12.00 18.96 23.02
C ARG B 206 11.23 17.93 22.20
N PRO B 207 11.77 17.44 21.08
CA PRO B 207 11.06 16.41 20.32
C PRO B 207 11.16 15.06 21.01
N ARG B 208 10.10 14.25 20.81
CA ARG B 208 10.13 12.87 21.27
C ARG B 208 10.79 11.94 20.27
N LEU B 209 10.92 12.36 19.01
CA LEU B 209 11.55 11.54 17.98
C LEU B 209 12.14 12.47 16.92
N ILE B 210 13.35 12.14 16.47
CA ILE B 210 14.02 12.88 15.41
C ILE B 210 14.30 11.94 14.25
N ILE B 211 14.03 12.40 13.03
CA ILE B 211 14.19 11.62 11.81
C ILE B 211 15.52 11.95 11.18
N ALA B 212 16.37 10.94 11.06
CA ALA B 212 17.67 11.06 10.36
C ALA B 212 17.53 10.33 9.03
N GLY B 213 17.19 11.09 7.98
CA GLY B 213 16.93 10.51 6.68
C GLY B 213 16.51 11.57 5.69
N THR B 214 16.75 11.34 4.39
CA THR B 214 16.61 12.40 3.41
C THR B 214 16.06 11.86 2.10
N SER B 215 15.41 12.76 1.35
CA SER B 215 15.00 12.48 -0.01
C SER B 215 15.92 13.08 -1.05
N ALA B 216 16.53 14.24 -0.74
CA ALA B 216 17.43 14.93 -1.66
C ALA B 216 18.62 15.43 -0.84
N TYR B 217 19.61 14.56 -0.68
CA TYR B 217 20.81 14.90 0.07
C TYR B 217 21.96 14.06 -0.47
N ALA B 218 23.04 14.73 -0.87
CA ALA B 218 24.14 14.05 -1.54
C ALA B 218 25.22 13.54 -0.59
N ARG B 219 25.11 13.80 0.70
CA ARG B 219 26.18 13.46 1.62
C ARG B 219 25.71 12.43 2.64
N LEU B 220 26.67 11.86 3.35
CA LEU B 220 26.35 10.90 4.41
C LEU B 220 25.91 11.64 5.67
N ILE B 221 24.92 11.08 6.34
CA ILE B 221 24.35 11.69 7.54
C ILE B 221 25.19 11.27 8.74
N ASP B 222 25.48 12.23 9.62
CA ASP B 222 26.26 11.97 10.83
C ASP B 222 25.31 11.38 11.87
N TYR B 223 25.13 10.06 11.80
CA TYR B 223 24.19 9.39 12.69
C TYR B 223 24.66 9.44 14.13
N ALA B 224 25.98 9.48 14.36
CA ALA B 224 26.49 9.62 15.71
C ALA B 224 26.07 10.95 16.33
N ARG B 225 26.19 12.04 15.56
CA ARG B 225 25.76 13.34 16.06
C ARG B 225 24.26 13.36 16.30
N MET B 226 23.48 12.74 15.39
CA MET B 226 22.04 12.63 15.61
C MET B 226 21.73 11.85 16.88
N ARG B 227 22.54 10.81 17.16
CA ARG B 227 22.31 10.01 18.36
C ARG B 227 22.61 10.82 19.62
N GLU B 228 23.64 11.67 19.60
CA GLU B 228 23.97 12.48 20.76
C GLU B 228 22.88 13.51 21.04
N VAL B 229 22.37 14.16 19.99
CA VAL B 229 21.27 15.10 20.17
C VAL B 229 20.05 14.38 20.72
N CYS B 230 19.72 13.21 20.17
CA CYS B 230 18.58 12.44 20.66
C CYS B 230 18.77 12.02 22.11
N ASP B 231 19.96 11.51 22.44
CA ASP B 231 20.20 11.05 23.80
C ASP B 231 20.12 12.20 24.79
N GLU B 232 20.45 13.41 24.36
CA GLU B 232 20.42 14.56 25.26
C GLU B 232 18.99 14.95 25.60
N VAL B 233 18.13 15.08 24.60
CA VAL B 233 16.76 15.56 24.81
C VAL B 233 15.81 14.39 25.02
N LYS B 234 16.36 13.18 25.13
CA LYS B 234 15.58 11.96 25.37
C LYS B 234 14.54 11.77 24.25
N ALA B 235 15.07 11.59 23.04
CA ALA B 235 14.25 11.41 21.85
C ALA B 235 14.65 10.13 21.14
N HIS B 236 13.67 9.49 20.50
CA HIS B 236 13.96 8.35 19.64
C HIS B 236 14.64 8.82 18.37
N LEU B 237 15.69 8.12 17.97
CA LEU B 237 16.35 8.37 16.69
C LEU B 237 15.77 7.41 15.67
N LEU B 238 14.96 7.93 14.76
CA LEU B 238 14.47 7.19 13.60
C LEU B 238 15.36 7.51 12.41
N ALA B 239 15.95 6.48 11.82
CA ALA B 239 16.72 6.61 10.59
C ALA B 239 15.85 6.16 9.43
N ASP B 240 15.55 7.09 8.52
CA ASP B 240 14.82 6.78 7.29
C ASP B 240 15.83 6.65 6.17
N MET B 241 16.31 5.43 5.94
CA MET B 241 17.33 5.15 4.93
C MET B 241 16.72 4.74 3.59
N ALA B 242 15.57 5.31 3.22
CA ALA B 242 14.87 4.89 2.01
C ALA B 242 15.77 5.00 0.79
N HIS B 243 16.37 6.18 0.57
CA HIS B 243 17.18 6.39 -0.63
C HIS B 243 18.46 5.57 -0.62
N ILE B 244 19.05 5.34 0.55
CA ILE B 244 20.40 4.78 0.62
C ILE B 244 20.38 3.32 1.06
N SER B 245 19.19 2.72 1.21
CA SER B 245 19.08 1.38 1.78
C SER B 245 19.95 0.37 1.03
N GLY B 246 19.90 0.39 -0.31
CA GLY B 246 20.72 -0.53 -1.08
C GLY B 246 22.21 -0.34 -0.82
N LEU B 247 22.64 0.93 -0.73
CA LEU B 247 24.04 1.21 -0.40
C LEU B 247 24.41 0.70 0.99
N VAL B 248 23.49 0.84 1.96
CA VAL B 248 23.76 0.35 3.30
C VAL B 248 23.85 -1.18 3.32
N ALA B 249 22.91 -1.85 2.64
CA ALA B 249 22.92 -3.31 2.64
C ALA B 249 24.19 -3.86 2.02
N ALA B 250 24.73 -3.18 1.01
CA ALA B 250 25.97 -3.60 0.38
C ALA B 250 27.20 -3.18 1.17
N LYS B 251 27.02 -2.45 2.26
CA LYS B 251 28.11 -2.00 3.12
C LYS B 251 29.11 -1.13 2.35
N VAL B 252 28.59 -0.33 1.40
CA VAL B 252 29.43 0.63 0.68
C VAL B 252 29.35 2.03 1.27
N ILE B 253 28.45 2.27 2.22
CA ILE B 253 28.41 3.49 3.02
C ILE B 253 28.11 3.11 4.46
N PRO B 254 28.44 4.00 5.41
CA PRO B 254 28.20 3.67 6.82
C PRO B 254 26.73 3.34 7.08
N SER B 255 26.51 2.38 7.99
CA SER B 255 25.16 1.90 8.28
C SER B 255 24.54 2.71 9.41
N PRO B 256 23.28 3.14 9.27
CA PRO B 256 22.62 3.86 10.39
C PRO B 256 22.20 2.96 11.53
N PHE B 257 22.25 1.64 11.36
CA PHE B 257 21.84 0.72 12.42
C PHE B 257 22.76 0.78 13.63
N LYS B 258 23.99 1.24 13.46
CA LYS B 258 24.90 1.38 14.60
C LYS B 258 24.53 2.52 15.53
N HIS B 259 23.53 3.32 15.19
CA HIS B 259 23.22 4.50 16.00
C HIS B 259 21.73 4.71 16.25
N ALA B 260 20.84 4.22 15.39
CA ALA B 260 19.43 4.53 15.48
C ALA B 260 18.68 3.48 16.29
N ASP B 261 17.55 3.91 16.88
CA ASP B 261 16.65 2.98 17.56
C ASP B 261 15.71 2.32 16.56
N ILE B 262 15.16 3.10 15.64
CA ILE B 262 14.20 2.65 14.64
C ILE B 262 14.77 2.99 13.27
N VAL B 263 14.60 2.08 12.31
CA VAL B 263 15.06 2.27 10.95
C VAL B 263 13.91 1.93 10.01
N THR B 264 13.51 2.89 9.19
CA THR B 264 12.54 2.64 8.15
C THR B 264 13.21 2.76 6.79
N THR B 265 12.56 2.19 5.78
CA THR B 265 13.05 2.31 4.41
C THR B 265 11.95 1.90 3.44
N THR B 266 12.02 2.45 2.23
CA THR B 266 11.30 1.86 1.12
C THR B 266 12.11 0.71 0.55
N THR B 267 11.43 -0.11 -0.26
CA THR B 267 12.07 -1.29 -0.85
C THR B 267 12.15 -1.20 -2.37
N HIS B 268 11.97 0.00 -2.94
CA HIS B 268 11.91 0.15 -4.39
C HIS B 268 12.85 1.23 -4.91
N LYS B 269 13.83 1.63 -4.11
CA LYS B 269 14.84 2.60 -4.58
C LYS B 269 16.15 1.88 -4.86
N THR B 270 17.17 2.15 -4.05
CA THR B 270 18.45 1.47 -4.22
C THR B 270 18.37 -0.01 -3.86
N LEU B 271 17.30 -0.46 -3.20
CA LEU B 271 17.12 -1.88 -2.92
C LEU B 271 16.61 -2.65 -4.13
N ARG B 272 16.03 -1.95 -5.12
CA ARG B 272 15.67 -2.52 -6.42
C ARG B 272 14.60 -3.60 -6.30
N GLY B 273 13.63 -3.37 -5.41
CA GLY B 273 12.54 -4.32 -5.26
C GLY B 273 11.19 -3.68 -5.56
N ALA B 274 10.11 -4.34 -5.18
CA ALA B 274 8.78 -3.77 -5.37
C ALA B 274 8.54 -2.64 -4.36
N ARG B 275 7.50 -1.86 -4.61
CA ARG B 275 7.13 -0.77 -3.73
C ARG B 275 6.53 -1.31 -2.44
N SER B 276 7.23 -1.10 -1.33
CA SER B 276 6.77 -1.54 -0.02
C SER B 276 7.59 -0.78 1.02
N GLY B 277 7.39 -1.13 2.30
CA GLY B 277 8.10 -0.48 3.37
C GLY B 277 8.54 -1.49 4.41
N LEU B 278 9.54 -1.09 5.19
CA LEU B 278 10.07 -1.91 6.27
C LEU B 278 10.29 -1.03 7.50
N ILE B 279 10.11 -1.61 8.68
CA ILE B 279 10.37 -0.94 9.95
C ILE B 279 11.29 -1.84 10.75
N PHE B 280 12.56 -1.47 10.86
CA PHE B 280 13.50 -2.15 11.73
C PHE B 280 13.48 -1.49 13.11
N TYR B 281 13.50 -2.32 14.15
CA TYR B 281 13.42 -1.82 15.52
C TYR B 281 14.36 -2.63 16.42
N ARG B 282 14.84 -1.98 17.47
CA ARG B 282 15.77 -2.63 18.38
C ARG B 282 15.05 -3.63 19.28
N LYS B 283 15.83 -4.56 19.83
CA LYS B 283 15.33 -5.54 20.78
C LYS B 283 16.39 -5.77 21.85
N GLY B 284 15.95 -6.27 23.00
CA GLY B 284 16.86 -6.55 24.10
C GLY B 284 16.94 -5.44 25.14
N VAL B 285 18.14 -5.16 25.65
CA VAL B 285 18.32 -4.20 26.73
C VAL B 285 18.52 -2.81 26.16
N LYS B 286 17.73 -1.85 26.63
CA LYS B 286 17.80 -0.49 26.15
C LYS B 286 19.02 0.23 26.70
N VAL B 288 22.24 -0.90 34.09
CA VAL B 288 20.97 -0.71 33.41
C VAL B 288 21.18 -0.55 31.91
N PRO B 290 20.14 3.32 35.93
CA PRO B 290 21.49 2.95 36.38
C PRO B 290 21.49 2.23 37.72
N LYS B 291 20.77 2.78 38.70
CA LYS B 291 20.71 2.17 40.03
C LYS B 291 20.09 0.78 39.95
N THR B 292 20.73 -0.17 40.63
CA THR B 292 20.30 -1.58 40.63
C THR B 292 20.21 -2.15 39.21
N ARG B 294 18.87 -4.13 37.23
CA ARG B 294 17.76 -3.48 36.55
C ARG B 294 18.04 -3.26 35.06
N GLU B 295 17.98 -4.34 34.28
CA GLU B 295 18.18 -4.26 32.83
C GLU B 295 16.91 -3.73 32.17
N ILE B 296 16.94 -2.49 31.70
CA ILE B 296 15.76 -1.89 31.07
C ILE B 296 15.58 -2.49 29.68
N PRO B 297 14.40 -3.02 29.33
CA PRO B 297 14.21 -3.65 28.03
C PRO B 297 13.74 -2.67 26.96
N TYR B 298 13.98 -3.06 25.72
CA TYR B 298 13.43 -2.35 24.57
C TYR B 298 11.95 -2.70 24.44
N THR B 299 11.11 -1.68 24.24
CA THR B 299 9.67 -1.85 24.12
C THR B 299 9.19 -1.37 22.76
N PHE B 300 9.93 -1.72 21.70
CA PHE B 300 9.57 -1.31 20.35
C PHE B 300 8.74 -2.36 19.63
N GLU B 301 9.06 -3.64 19.83
CA GLU B 301 8.50 -4.69 18.98
C GLU B 301 6.98 -4.69 19.01
N ASP B 302 6.39 -4.70 20.20
CA ASP B 302 4.93 -4.83 20.29
C ASP B 302 4.23 -3.55 19.83
N ARG B 303 4.79 -2.39 20.18
CA ARG B 303 4.15 -1.13 19.79
C ARG B 303 4.21 -0.93 18.28
N ILE B 304 5.35 -1.26 17.66
CA ILE B 304 5.48 -1.09 16.22
C ILE B 304 4.53 -2.03 15.48
N ASN B 305 4.55 -3.32 15.85
CA ASN B 305 3.69 -4.29 15.16
C ASN B 305 2.22 -3.95 15.31
N PHE B 306 1.82 -3.43 16.47
CA PHE B 306 0.44 -3.06 16.67
C PHE B 306 0.05 -1.84 15.85
N ALA B 307 0.98 -0.90 15.66
CA ALA B 307 0.67 0.30 14.90
C ALA B 307 0.40 -0.04 13.43
N VAL B 308 1.22 -0.91 12.84
CA VAL B 308 1.00 -1.31 11.45
C VAL B 308 -0.37 -1.98 11.33
N PHE B 309 -0.57 -3.08 12.05
CA PHE B 309 -1.85 -3.75 12.17
C PHE B 309 -2.15 -4.02 13.64
N PRO B 310 -3.37 -3.72 14.11
CA PRO B 310 -4.55 -3.28 13.37
C PRO B 310 -4.78 -1.77 13.34
N SER B 311 -3.85 -0.99 13.92
CA SER B 311 -4.08 0.44 14.06
C SER B 311 -4.25 1.12 12.70
N LEU B 312 -3.25 0.98 11.83
CA LEU B 312 -3.22 1.75 10.59
C LEU B 312 -3.60 0.94 9.36
N GLN B 313 -2.96 -0.20 9.15
CA GLN B 313 -3.17 -0.99 7.95
C GLN B 313 -4.12 -2.16 8.22
N GLY B 314 -4.61 -2.75 7.14
CA GLY B 314 -5.43 -3.93 7.24
C GLY B 314 -4.68 -5.17 6.81
N GLY B 315 -5.17 -5.84 5.78
CA GLY B 315 -4.54 -7.03 5.28
C GLY B 315 -3.19 -6.74 4.66
N PRO B 316 -2.16 -7.46 5.09
CA PRO B 316 -0.84 -7.28 4.49
C PRO B 316 -0.82 -7.76 3.04
N HIS B 317 -0.08 -7.04 2.21
CA HIS B 317 0.03 -7.37 0.79
C HIS B 317 1.13 -8.40 0.62
N ASN B 318 0.75 -9.68 0.69
CA ASN B 318 1.73 -10.76 0.71
C ASN B 318 2.50 -10.84 -0.60
N HIS B 319 1.89 -10.45 -1.71
CA HIS B 319 2.62 -10.41 -2.98
C HIS B 319 3.76 -9.40 -2.93
N ALA B 320 3.49 -8.22 -2.35
CA ALA B 320 4.55 -7.24 -2.15
C ALA B 320 5.61 -7.77 -1.18
N ILE B 321 5.17 -8.39 -0.09
CA ILE B 321 6.11 -8.97 0.87
C ILE B 321 7.00 -10.00 0.19
N ALA B 322 6.44 -10.83 -0.67
CA ALA B 322 7.24 -11.85 -1.36
C ALA B 322 8.25 -11.21 -2.30
N ALA B 323 7.81 -10.23 -3.09
CA ALA B 323 8.71 -9.52 -4.00
C ALA B 323 9.83 -8.85 -3.21
N VAL B 324 9.50 -8.23 -2.07
CA VAL B 324 10.53 -7.64 -1.23
C VAL B 324 11.51 -8.70 -0.77
N ALA B 325 11.01 -9.89 -0.41
CA ALA B 325 11.90 -10.96 0.02
C ALA B 325 12.83 -11.39 -1.12
N VAL B 326 12.32 -11.41 -2.35
CA VAL B 326 13.14 -11.80 -3.50
C VAL B 326 14.29 -10.82 -3.67
N ALA B 327 13.98 -9.52 -3.75
CA ALA B 327 15.03 -8.52 -3.89
C ALA B 327 15.95 -8.49 -2.67
N LEU B 328 15.44 -8.83 -1.49
CA LEU B 328 16.29 -8.87 -0.30
C LEU B 328 17.34 -9.97 -0.40
N LYS B 329 16.97 -11.11 -0.99
CA LYS B 329 17.96 -12.16 -1.25
C LYS B 329 19.00 -11.67 -2.26
N GLN B 330 18.56 -10.88 -3.25
CA GLN B 330 19.49 -10.35 -4.23
C GLN B 330 20.47 -9.38 -3.60
N ALA B 331 20.07 -8.68 -2.52
CA ALA B 331 20.94 -7.68 -1.91
C ALA B 331 22.12 -8.31 -1.18
N CYS B 332 21.97 -9.55 -0.71
CA CYS B 332 23.06 -10.22 -0.01
C CYS B 332 24.13 -10.76 -0.94
N THR B 333 23.92 -10.69 -2.25
CA THR B 333 24.83 -11.32 -3.19
C THR B 333 25.99 -10.39 -3.53
N PRO B 334 27.14 -10.96 -3.92
CA PRO B 334 28.24 -10.10 -4.39
C PRO B 334 27.88 -9.28 -5.60
N MET B 335 26.90 -9.71 -6.39
CA MET B 335 26.44 -8.91 -7.51
C MET B 335 25.90 -7.56 -7.03
N PHE B 336 25.16 -7.57 -5.93
CA PHE B 336 24.54 -6.34 -5.46
C PHE B 336 25.59 -5.36 -4.90
N ARG B 337 26.64 -5.88 -4.27
CA ARG B 337 27.71 -5.00 -3.82
C ARG B 337 28.43 -4.34 -4.99
N GLU B 338 28.67 -5.11 -6.06
CA GLU B 338 29.23 -4.51 -7.27
C GLU B 338 28.27 -3.47 -7.85
N TYR B 339 26.98 -3.78 -7.88
CA TYR B 339 26.01 -2.80 -8.35
C TYR B 339 26.07 -1.53 -7.51
N SER B 340 26.05 -1.68 -6.18
CA SER B 340 26.06 -0.51 -5.30
C SER B 340 27.35 0.27 -5.40
N LEU B 341 28.49 -0.42 -5.51
CA LEU B 341 29.76 0.26 -5.76
C LEU B 341 29.72 1.01 -7.08
N GLN B 342 29.12 0.41 -8.12
CA GLN B 342 29.00 1.10 -9.40
C GLN B 342 28.09 2.31 -9.29
N VAL B 343 27.02 2.21 -8.50
CA VAL B 343 26.12 3.34 -8.28
C VAL B 343 26.90 4.51 -7.70
N LEU B 344 27.78 4.25 -6.73
CA LEU B 344 28.63 5.30 -6.19
C LEU B 344 29.57 5.86 -7.24
N LYS B 345 30.23 4.97 -8.00
CA LYS B 345 31.17 5.43 -9.03
C LYS B 345 30.45 6.28 -10.08
N ASN B 346 29.24 5.89 -10.45
CA ASN B 346 28.55 6.60 -11.52
C ASN B 346 28.05 7.96 -11.06
N ALA B 347 27.57 8.06 -9.82
CA ALA B 347 27.14 9.36 -9.31
C ALA B 347 28.31 10.33 -9.22
N ARG B 348 29.48 9.84 -8.80
CA ARG B 348 30.67 10.70 -8.78
C ARG B 348 31.09 11.08 -10.19
N ALA B 349 31.00 10.14 -11.13
CA ALA B 349 31.31 10.45 -12.52
C ALA B 349 30.37 11.53 -13.07
N MET B 350 29.07 11.37 -12.80
CA MET B 350 28.12 12.40 -13.20
C MET B 350 28.44 13.73 -12.51
N ALA B 351 28.87 13.68 -11.25
CA ALA B 351 29.22 14.91 -10.55
C ALA B 351 30.45 15.55 -11.17
N ASP B 352 31.51 14.76 -11.39
CA ASP B 352 32.71 15.29 -12.02
C ASP B 352 32.41 15.86 -13.40
N ALA B 353 31.59 15.16 -14.19
CA ALA B 353 31.27 15.65 -15.53
C ALA B 353 30.48 16.94 -15.46
N LEU B 354 29.65 17.13 -14.43
CA LEU B 354 28.88 18.35 -14.32
C LEU B 354 29.76 19.52 -13.87
N LEU B 355 30.69 19.25 -12.97
CA LEU B 355 31.60 20.30 -12.51
C LEU B 355 32.48 20.79 -13.66
N GLU B 356 33.02 19.87 -14.45
CA GLU B 356 33.88 20.23 -15.58
C GLU B 356 33.15 21.04 -16.64
N ARG B 357 31.83 21.07 -16.63
CA ARG B 357 31.06 21.81 -17.62
C ARG B 357 30.46 23.09 -17.06
N GLY B 358 30.90 23.52 -15.87
CA GLY B 358 30.49 24.78 -15.30
C GLY B 358 29.32 24.72 -14.34
N TYR B 359 28.80 23.53 -14.04
CA TYR B 359 27.67 23.42 -13.13
C TYR B 359 28.16 23.39 -11.69
N SER B 360 27.34 23.96 -10.79
CA SER B 360 27.62 23.93 -9.37
C SER B 360 26.72 22.89 -8.70
N LEU B 361 27.26 22.23 -7.69
CA LEU B 361 26.55 21.16 -6.98
C LEU B 361 26.40 21.54 -5.50
N VAL B 362 25.21 21.27 -4.95
CA VAL B 362 24.99 21.48 -3.53
C VAL B 362 25.93 20.59 -2.74
N SER B 363 26.68 21.19 -1.82
CA SER B 363 27.73 20.52 -1.06
C SER B 363 28.87 20.04 -1.95
N GLY B 364 29.02 20.64 -3.13
CA GLY B 364 30.21 20.49 -3.96
C GLY B 364 30.47 19.11 -4.51
N GLY B 365 29.57 18.14 -4.28
CA GLY B 365 29.78 16.81 -4.81
C GLY B 365 28.78 15.82 -4.26
N THR B 366 29.22 14.59 -4.01
CA THR B 366 28.32 13.56 -3.51
C THR B 366 29.12 12.42 -2.90
N ASP B 367 28.49 11.75 -1.94
CA ASP B 367 29.03 10.56 -1.29
C ASP B 367 28.05 9.39 -1.37
N ASN B 368 26.95 9.55 -2.09
CA ASN B 368 25.98 8.48 -2.24
C ASN B 368 25.57 8.34 -3.71
N HIS B 369 24.28 8.22 -3.95
CA HIS B 369 23.76 7.80 -5.25
C HIS B 369 23.19 8.93 -6.08
N LEU B 370 23.07 10.13 -5.53
CA LEU B 370 22.45 11.24 -6.25
C LEU B 370 23.38 12.45 -6.27
N VAL B 371 22.96 13.44 -7.03
CA VAL B 371 23.71 14.67 -7.23
C VAL B 371 22.71 15.82 -7.28
N LEU B 372 22.91 16.84 -6.46
CA LEU B 372 22.03 18.00 -6.42
C LEU B 372 22.68 19.09 -7.25
N VAL B 373 22.19 19.27 -8.47
CA VAL B 373 22.76 20.25 -9.41
C VAL B 373 22.11 21.60 -9.19
N ASP B 374 22.93 22.62 -9.00
CA ASP B 374 22.46 24.00 -8.88
C ASP B 374 22.62 24.67 -10.25
N LEU B 375 21.50 25.04 -10.86
CA LEU B 375 21.50 25.61 -12.19
C LEU B 375 21.28 27.12 -12.19
N ARG B 376 21.14 27.74 -11.02
CA ARG B 376 21.08 29.19 -10.96
C ARG B 376 22.33 29.86 -11.54
N PRO B 377 23.57 29.43 -11.24
CA PRO B 377 24.74 30.08 -11.84
C PRO B 377 24.91 29.81 -13.33
N LYS B 378 23.83 29.38 -14.00
CA LYS B 378 23.86 29.19 -15.44
C LYS B 378 22.67 29.83 -16.14
N GLY B 379 21.77 30.46 -15.38
CA GLY B 379 20.68 31.21 -15.96
C GLY B 379 19.42 30.43 -16.26
N LEU B 380 19.34 29.17 -15.84
CA LEU B 380 18.18 28.34 -16.09
C LEU B 380 17.71 27.74 -14.76
N ASP B 381 16.40 27.82 -14.50
CA ASP B 381 15.84 27.26 -13.30
C ASP B 381 15.51 25.78 -13.51
N GLY B 382 15.36 25.07 -12.39
CA GLY B 382 15.08 23.64 -12.45
C GLY B 382 13.75 23.31 -13.10
N ALA B 383 12.77 24.22 -13.00
CA ALA B 383 11.48 23.96 -13.64
C ALA B 383 11.61 23.95 -15.16
N ARG B 384 12.37 24.90 -15.70
CA ARG B 384 12.58 24.94 -17.15
C ARG B 384 13.46 23.79 -17.61
N ALA B 385 14.51 23.47 -16.85
CA ALA B 385 15.39 22.39 -17.25
C ALA B 385 14.69 21.04 -17.15
N GLU B 386 13.83 20.84 -16.15
CA GLU B 386 13.12 19.57 -16.03
C GLU B 386 12.22 19.33 -17.23
N ARG B 387 11.52 20.37 -17.70
CA ARG B 387 10.62 20.20 -18.82
C ARG B 387 11.37 19.90 -20.12
N VAL B 388 12.46 20.64 -20.38
CA VAL B 388 13.22 20.40 -21.61
C VAL B 388 13.87 19.01 -21.58
N LEU B 389 14.41 18.62 -20.43
CA LEU B 389 15.01 17.29 -20.33
C LEU B 389 13.95 16.20 -20.51
N GLU B 390 12.75 16.43 -19.98
CA GLU B 390 11.69 15.43 -20.11
C GLU B 390 11.29 15.24 -21.57
N LEU B 391 11.28 16.32 -22.35
CA LEU B 391 10.90 16.25 -23.76
C LEU B 391 11.96 15.54 -24.60
N VAL B 392 13.18 15.37 -24.08
CA VAL B 392 14.21 14.63 -24.81
C VAL B 392 14.49 13.32 -24.08
N SER B 393 13.49 12.83 -23.34
CA SER B 393 13.51 11.51 -22.70
C SER B 393 14.58 11.41 -21.62
N ILE B 394 14.81 12.52 -20.92
CA ILE B 394 15.70 12.58 -19.78
C ILE B 394 14.84 12.98 -18.59
N THR B 395 14.47 11.99 -17.77
CA THR B 395 13.55 12.23 -16.67
C THR B 395 14.34 12.55 -15.42
N ALA B 396 14.13 13.76 -14.90
CA ALA B 396 14.66 14.17 -13.60
C ALA B 396 13.56 14.94 -12.90
N ASN B 397 13.89 15.54 -11.75
CA ASN B 397 12.93 16.38 -11.05
C ASN B 397 13.63 17.62 -10.52
N LYS B 398 12.95 18.76 -10.64
CA LYS B 398 13.46 20.00 -10.08
C LYS B 398 13.69 19.86 -8.58
N ASN B 399 14.61 20.65 -8.05
CA ASN B 399 14.99 20.60 -6.65
C ASN B 399 15.29 21.99 -6.13
N THR B 400 14.77 22.29 -4.95
CA THR B 400 15.03 23.59 -4.31
C THR B 400 16.47 23.66 -3.84
N CYS B 401 17.11 24.75 -4.12
CA CYS B 401 18.48 24.94 -3.66
C CYS B 401 18.49 25.58 -2.29
N PRO B 402 19.57 25.38 -1.50
CA PRO B 402 19.55 25.85 -0.10
C PRO B 402 19.36 27.35 0.04
N GLY B 403 19.70 28.14 -0.96
CA GLY B 403 19.46 29.57 -0.87
C GLY B 403 18.51 30.08 -1.94
N ASP B 404 17.23 29.74 -1.82
CA ASP B 404 16.23 30.17 -2.80
C ASP B 404 14.85 30.06 -2.18
N ARG B 405 13.90 30.79 -2.78
CA ARG B 405 12.51 30.70 -2.35
C ARG B 405 11.55 31.03 -3.50
N SER B 406 11.98 30.82 -4.74
CA SER B 406 11.10 31.05 -5.89
C SER B 406 9.94 30.07 -5.95
N ALA B 407 10.04 28.93 -5.27
CA ALA B 407 8.96 27.95 -5.17
C ALA B 407 8.48 27.47 -6.53
N ILE B 408 7.83 28.35 -7.30
CA ILE B 408 7.35 28.00 -8.62
C ILE B 408 8.50 27.73 -9.59
N THR B 409 9.69 28.25 -9.30
CA THR B 409 10.88 28.03 -10.13
C THR B 409 12.07 27.71 -9.23
N PRO B 410 12.17 26.47 -8.76
CA PRO B 410 13.38 26.06 -8.04
C PRO B 410 14.59 26.13 -8.97
N GLY B 411 15.73 26.49 -8.39
CA GLY B 411 16.93 26.71 -9.17
C GLY B 411 17.81 25.49 -9.39
N GLY B 412 17.34 24.29 -9.06
CA GLY B 412 18.20 23.13 -9.08
C GLY B 412 17.52 21.91 -9.68
N LEU B 413 18.27 20.81 -9.69
CA LEU B 413 17.82 19.56 -10.26
C LEU B 413 18.39 18.44 -9.40
N ARG B 414 17.61 17.36 -9.23
CA ARG B 414 18.08 16.16 -8.56
C ARG B 414 18.28 15.07 -9.60
N LEU B 415 19.51 14.57 -9.71
CA LEU B 415 19.87 13.52 -10.65
C LEU B 415 20.33 12.29 -9.88
N GLY B 416 19.86 11.13 -10.31
CA GLY B 416 20.15 9.89 -9.64
C GLY B 416 20.77 8.86 -10.56
N ALA B 417 21.58 7.98 -9.99
CA ALA B 417 22.32 6.94 -10.69
C ALA B 417 21.71 5.54 -10.60
N PRO B 418 20.97 5.16 -9.54
CA PRO B 418 20.61 3.72 -9.42
C PRO B 418 19.85 3.14 -10.60
N ALA B 419 18.96 3.91 -11.23
CA ALA B 419 18.11 3.34 -12.27
C ALA B 419 18.96 2.94 -13.48
N LEU B 420 19.72 3.88 -14.04
CA LEU B 420 20.56 3.58 -15.18
C LEU B 420 21.70 2.63 -14.81
N THR B 421 22.14 2.63 -13.55
CA THR B 421 23.19 1.70 -13.17
C THR B 421 22.70 0.26 -13.25
N SER B 422 21.41 0.04 -13.00
CA SER B 422 20.85 -1.29 -13.18
C SER B 422 20.83 -1.70 -14.65
N ARG B 423 20.84 -0.74 -15.56
CA ARG B 423 20.97 -1.01 -16.99
C ARG B 423 22.41 -1.17 -17.42
N GLN B 424 23.32 -1.43 -16.48
CA GLN B 424 24.73 -1.69 -16.75
C GLN B 424 25.44 -0.45 -17.30
N PHE B 425 24.98 0.74 -16.91
CA PHE B 425 25.72 1.95 -17.20
C PHE B 425 27.03 1.97 -16.40
N ARG B 426 28.06 2.55 -17.02
CA ARG B 426 29.37 2.71 -16.42
C ARG B 426 29.71 4.21 -16.34
N GLU B 427 30.92 4.50 -15.86
CA GLU B 427 31.32 5.87 -15.61
C GLU B 427 31.18 6.74 -16.86
N ASP B 428 31.77 6.31 -17.98
CA ASP B 428 31.72 7.09 -19.22
C ASP B 428 30.32 7.11 -19.80
N ASP B 429 29.49 6.10 -19.52
CA ASP B 429 28.09 6.17 -19.89
C ASP B 429 27.39 7.33 -19.21
N PHE B 430 27.74 7.58 -17.95
CA PHE B 430 27.13 8.72 -17.26
C PHE B 430 27.75 10.03 -17.70
N ARG B 431 29.03 10.04 -18.12
CA ARG B 431 29.57 11.25 -18.72
C ARG B 431 28.83 11.59 -20.01
N ARG B 432 28.43 10.56 -20.76
CA ARG B 432 27.63 10.79 -21.95
C ARG B 432 26.25 11.34 -21.59
N VAL B 433 25.68 10.86 -20.48
CA VAL B 433 24.40 11.38 -20.00
C VAL B 433 24.52 12.87 -19.70
N VAL B 434 25.60 13.27 -19.02
CA VAL B 434 25.82 14.68 -18.71
C VAL B 434 25.96 15.49 -20.00
N ASP B 435 26.56 14.90 -21.04
CA ASP B 435 26.62 15.58 -22.33
C ASP B 435 25.21 15.87 -22.85
N PHE B 436 24.32 14.88 -22.80
CA PHE B 436 22.94 15.12 -23.23
C PHE B 436 22.26 16.13 -22.33
N ILE B 437 22.52 16.08 -21.02
CA ILE B 437 21.95 17.07 -20.11
C ILE B 437 22.41 18.46 -20.50
N ASP B 438 23.71 18.60 -20.79
CA ASP B 438 24.25 19.91 -21.14
C ASP B 438 23.59 20.50 -22.38
N GLU B 439 23.30 19.65 -23.38
CA GLU B 439 22.62 20.15 -24.57
C GLU B 439 21.20 20.61 -24.26
N GLY B 440 20.49 19.87 -23.40
CA GLY B 440 19.16 20.28 -23.02
C GLY B 440 19.15 21.62 -22.30
N VAL B 441 20.11 21.82 -21.40
CA VAL B 441 20.22 23.09 -20.68
C VAL B 441 20.49 24.23 -21.66
N ASN B 442 21.40 24.01 -22.61
CA ASN B 442 21.67 25.03 -23.61
C ASN B 442 20.44 25.35 -24.45
N ILE B 443 19.67 24.33 -24.83
CA ILE B 443 18.41 24.55 -25.53
C ILE B 443 17.45 25.33 -24.63
N GLY B 444 17.31 24.90 -23.38
CA GLY B 444 16.46 25.64 -22.45
C GLY B 444 16.93 27.06 -22.22
N LEU B 445 18.24 27.28 -22.26
CA LEU B 445 18.77 28.63 -22.13
C LEU B 445 18.34 29.50 -23.31
N GLU B 446 18.40 28.94 -24.53
CA GLU B 446 18.01 29.72 -25.70
C GLU B 446 16.52 30.03 -25.70
N VAL B 447 15.70 29.10 -25.21
CA VAL B 447 14.26 29.34 -25.16
C VAL B 447 13.93 30.41 -24.12
N LYS B 448 14.67 30.44 -23.01
CA LYS B 448 14.40 31.43 -21.97
C LYS B 448 14.62 32.85 -22.47
N SER B 449 15.66 33.04 -23.30
CA SER B 449 15.95 34.36 -23.84
C SER B 449 14.87 34.84 -24.82
N LYS B 450 14.09 33.92 -25.40
CA LYS B 450 13.03 34.27 -26.34
C LYS B 450 11.64 34.11 -25.71
N THR B 451 11.56 33.88 -24.41
CA THR B 451 10.28 33.69 -23.73
C THR B 451 10.25 34.50 -22.45
N ALA B 452 9.02 34.78 -21.99
CA ALA B 452 8.83 35.58 -20.78
C ALA B 452 8.57 34.69 -19.58
N LYS B 453 7.30 34.42 -19.29
CA LYS B 453 6.93 33.60 -18.14
C LYS B 453 7.28 32.14 -18.40
N LEU B 454 6.92 31.29 -17.43
CA LEU B 454 7.19 29.86 -17.58
C LEU B 454 6.19 29.19 -18.49
N GLN B 455 4.95 29.65 -18.52
CA GLN B 455 3.97 29.09 -19.44
C GLN B 455 4.37 29.40 -20.88
N ASP B 456 4.95 30.57 -21.13
CA ASP B 456 5.48 30.84 -22.47
C ASP B 456 6.65 29.94 -22.81
N PHE B 457 7.44 29.55 -21.80
CA PHE B 457 8.55 28.64 -22.03
C PHE B 457 8.04 27.25 -22.45
N LYS B 458 7.14 26.68 -21.65
CA LYS B 458 6.62 25.34 -21.95
C LYS B 458 5.88 25.32 -23.29
N SER B 459 5.26 26.44 -23.66
CA SER B 459 4.56 26.49 -24.94
C SER B 459 5.53 26.65 -26.10
N PHE B 460 6.64 27.36 -25.89
CA PHE B 460 7.61 27.56 -26.97
C PHE B 460 8.30 26.26 -27.36
N LEU B 461 8.40 25.30 -26.43
CA LEU B 461 9.10 24.06 -26.72
C LEU B 461 8.31 23.15 -27.66
N LEU B 462 7.00 23.38 -27.81
CA LEU B 462 6.18 22.56 -28.67
C LEU B 462 5.73 23.26 -29.94
N LYS B 463 5.66 24.59 -29.95
CA LYS B 463 5.16 25.35 -31.08
C LYS B 463 6.28 25.84 -32.00
N ASP B 464 7.36 26.37 -31.44
CA ASP B 464 8.47 26.86 -32.25
C ASP B 464 9.06 25.74 -33.09
N SER B 465 8.99 25.88 -34.41
CA SER B 465 9.42 24.80 -35.30
C SER B 465 10.89 24.47 -35.11
N GLU B 466 11.74 25.49 -34.99
CA GLU B 466 13.17 25.23 -34.81
C GLU B 466 13.44 24.58 -33.45
N THR B 467 12.82 25.08 -32.39
CA THR B 467 13.01 24.48 -31.07
C THR B 467 12.44 23.07 -31.03
N SER B 468 11.23 22.87 -31.57
CA SER B 468 10.65 21.54 -31.64
C SER B 468 11.55 20.58 -32.40
N GLN B 469 12.20 21.07 -33.46
CA GLN B 469 13.08 20.21 -34.25
C GLN B 469 14.37 19.90 -33.49
N ARG B 470 14.95 20.91 -32.83
CA ARG B 470 16.18 20.67 -32.08
C ARG B 470 15.96 19.68 -30.95
N LEU B 471 14.79 19.76 -30.29
CA LEU B 471 14.46 18.80 -29.25
C LEU B 471 14.30 17.39 -29.82
N ALA B 472 13.68 17.29 -31.00
CA ALA B 472 13.45 15.98 -31.61
C ALA B 472 14.76 15.27 -31.94
N ASN B 473 15.76 16.02 -32.44
CA ASN B 473 17.06 15.40 -32.72
C ASN B 473 17.75 14.96 -31.44
N LEU B 474 17.72 15.79 -30.39
CA LEU B 474 18.33 15.39 -29.13
C LEU B 474 17.59 14.23 -28.51
N ARG B 475 16.26 14.26 -28.55
CA ARG B 475 15.46 13.14 -28.04
C ARG B 475 15.84 11.84 -28.75
N GLN B 476 15.97 11.89 -30.08
CA GLN B 476 16.31 10.68 -30.83
C GLN B 476 17.70 10.18 -30.47
N ARG B 477 18.68 11.08 -30.34
CA ARG B 477 20.02 10.66 -29.93
C ARG B 477 20.02 10.10 -28.53
N VAL B 478 19.20 10.66 -27.63
CA VAL B 478 19.11 10.12 -26.28
C VAL B 478 18.48 8.73 -26.29
N GLU B 479 17.39 8.57 -27.03
CA GLU B 479 16.67 7.30 -27.01
C GLU B 479 17.48 6.19 -27.65
N GLN B 480 18.18 6.49 -28.75
CA GLN B 480 19.08 5.50 -29.36
C GLN B 480 20.15 5.07 -28.40
N PHE B 481 20.74 6.01 -27.65
CA PHE B 481 21.79 5.65 -26.71
C PHE B 481 21.24 4.78 -25.59
N ALA B 482 20.04 5.09 -25.10
CA ALA B 482 19.49 4.35 -23.98
C ALA B 482 18.96 2.97 -24.38
N ARG B 483 18.42 2.82 -25.59
CA ARG B 483 17.83 1.54 -25.95
C ARG B 483 18.86 0.42 -26.01
N ALA B 484 20.14 0.77 -26.22
CA ALA B 484 21.18 -0.25 -26.37
C ALA B 484 21.50 -0.98 -25.07
N PHE B 485 21.04 -0.47 -23.93
CA PHE B 485 21.42 -1.11 -22.68
C PHE B 485 20.36 -2.12 -22.24
N PRO B 486 20.78 -3.16 -21.53
CA PRO B 486 19.81 -4.13 -21.02
C PRO B 486 18.89 -3.50 -19.98
N MET B 487 17.72 -4.12 -19.81
CA MET B 487 16.68 -3.61 -18.93
C MET B 487 16.19 -4.74 -18.04
N PRO B 488 16.22 -4.59 -16.72
CA PRO B 488 15.64 -5.62 -15.85
C PRO B 488 14.13 -5.70 -16.01
N GLY B 489 13.58 -6.85 -15.62
CA GLY B 489 12.15 -7.09 -15.67
C GLY B 489 11.74 -7.94 -16.85
N PHE B 490 10.47 -7.84 -17.20
CA PHE B 490 9.91 -8.55 -18.33
C PHE B 490 10.36 -7.89 -19.63
N ASP B 491 9.99 -8.51 -20.75
CA ASP B 491 10.42 -8.00 -22.05
C ASP B 491 9.44 -7.00 -22.64
N GLU B 492 8.14 -7.29 -22.57
CA GLU B 492 7.13 -6.46 -23.21
C GLU B 492 6.29 -5.63 -22.24
N HIS B 493 6.42 -5.88 -20.94
CA HIS B 493 5.61 -5.16 -19.95
C HIS B 493 6.31 -5.04 -18.59
N1 PLG C . -13.46 -1.74 4.80
C2 PLG C . -14.13 -2.91 4.99
C2A PLG C . -15.62 -2.93 5.04
C3 PLG C . -13.37 -4.17 5.12
O3 PLG C . -13.99 -5.37 5.31
C4 PLG C . -11.89 -4.10 5.06
C4A PLG C . -11.03 -5.35 5.20
C5 PLG C . -11.30 -2.76 4.86
C6 PLG C . -12.13 -1.65 4.74
C5A PLG C . -9.80 -2.61 4.79
OP4 PLG C . -9.24 -3.21 3.63
P PLG C . -7.69 -3.61 3.68
OP1 PLG C . -7.32 -4.09 2.30
OP2 PLG C . -6.98 -2.33 4.07
OP3 PLG C . -7.57 -4.68 4.75
C PLG C . -12.19 -8.78 6.11
O PLG C . -13.39 -8.44 6.02
OXT PLG C . -11.83 -9.96 6.29
CA PLG C . -11.15 -7.71 6.03
N PLG C . -11.78 -6.42 5.81
C8 Y79 D . -12.72 -7.89 10.58
C5 Y79 D . -12.82 -10.05 10.03
C6 Y79 D . -11.52 -9.58 9.88
N1 Y79 D . -14.89 -8.78 10.82
C2 Y79 D . -15.33 -7.60 11.22
C4 Y79 D . -13.24 -6.64 11.02
C9 Y79 D . -13.59 -8.95 10.49
C12 Y79 D . -8.62 -6.62 17.43
C13 Y79 D . -9.65 -7.38 16.89
C14 Y79 D . -7.48 -6.39 16.66
C15 Y79 D . -9.54 -7.93 15.62
C16 Y79 D . -7.37 -6.94 15.38
C17 Y79 D . -8.82 -6.05 18.83
C20 Y79 D . -6.40 -6.21 19.85
C21 Y79 D . -5.85 -5.93 21.24
C22 Y79 D . -6.94 -5.45 22.19
C23 Y79 D . -6.52 -5.42 23.66
C26 Y79 D . -6.19 -7.68 19.50
C29 Y79 D . -10.29 -7.46 10.17
C30 Y79 D . -9.19 -8.04 11.07
C31 Y79 D . -9.46 -7.81 12.56
C32 Y79 D . -8.32 -8.31 13.46
C33 Y79 D . -8.41 -7.70 14.87
F34 Y79 D . -10.77 -7.62 17.63
N11 Y79 D . -16.74 -7.42 11.58
N19 Y79 D . -7.83 -5.89 19.89
N3 Y79 D . -14.53 -6.54 11.33
N7 Y79 D . -11.48 -8.30 10.21
O10 Y79 D . -12.44 -5.50 11.14
O18 Y79 D . -9.94 -5.73 19.11
O24 Y79 D . -5.50 -4.77 24.02
O25 Y79 D . -7.20 -6.04 24.52
O27 Y79 D . -6.65 -8.58 20.25
O28 Y79 D . -5.55 -7.99 18.46
N1 PLG E . 10.83 8.35 2.95
C2 PLG E . 11.91 8.83 2.27
C2A PLG E . 13.18 9.18 2.99
C3 PLG E . 11.85 9.01 0.80
O3 PLG E . 12.92 9.48 0.12
C4 PLG E . 10.59 8.67 0.12
C4A PLG E . 10.43 8.82 -1.38
C5 PLG E . 9.50 8.16 0.97
C6 PLG E . 9.67 8.03 2.35
C5A PLG E . 8.19 7.81 0.29
OP4 PLG E . 7.81 6.45 0.46
P PLG E . 6.63 5.97 -0.50
OP1 PLG E . 6.93 4.54 -0.90
OP2 PLG E . 5.39 6.11 0.37
OP3 PLG E . 6.64 6.93 -1.65
C PLG E . 11.04 10.59 -3.94
O PLG E . 12.10 10.75 -3.30
OXT PLG E . 10.99 10.61 -5.19
CA PLG E . 9.74 10.37 -3.20
N PLG E . 9.95 10.12 -1.78
C8 Y79 F . 10.47 14.81 -2.12
C8 Y79 F . 10.27 14.88 -2.22
C5 Y79 F . 11.16 14.43 -4.22
C5 Y79 F . 10.99 14.64 -4.32
C6 Y79 F . 9.95 13.78 -3.99
C6 Y79 F . 9.75 14.03 -4.17
N1 Y79 F . 12.52 15.87 -2.59
N1 Y79 F . 12.37 15.88 -2.55
C2 Y79 F . 12.55 16.37 -1.36
C2 Y79 F . 12.41 16.26 -1.29
C4 Y79 F . 10.55 15.36 -0.80
C4 Y79 F . 10.35 15.32 -0.85
C9 Y79 F . 11.49 15.09 -3.00
C9 Y79 F . 11.32 15.19 -3.04
C12 Y79 F . 5.07 20.12 -1.81
C12 Y79 F . 4.42 20.24 -1.56
C13 Y79 F . 6.17 19.93 -2.62
C13 Y79 F . 3.43 19.44 -2.07
C14 Y79 F . 4.23 19.05 -1.51
C14 Y79 F . 5.75 19.83 -1.56
C15 Y79 F . 6.43 18.68 -3.16
C15 Y79 F . 3.75 18.19 -2.58
C16 Y79 F . 4.50 17.79 -2.04
C16 Y79 F . 6.07 18.58 -2.07
C17 Y79 F . 4.78 21.50 -1.22
C17 Y79 F . 4.04 21.62 -1.00
C20 Y79 F . 3.13 23.36 -0.73
C20 Y79 F . 2.30 23.44 -0.77
C21 Y79 F . 3.72 24.44 -1.62
C21 Y79 F . 2.91 24.54 -1.64
C22 Y79 F . 3.13 24.46 -3.04
C22 Y79 F . 2.58 24.37 -3.12
C23 Y79 F . 3.72 25.56 -3.91
C23 Y79 F . 2.97 25.58 -3.95
C26 Y79 F . 1.61 23.54 -0.64
C26 Y79 F . 0.77 23.56 -0.80
C29 Y79 F . 8.33 13.50 -2.15
C29 Y79 F . 8.08 13.68 -2.39
C30 Y79 F . 7.10 14.15 -2.78
C30 Y79 F . 6.92 14.41 -3.08
C31 Y79 F . 7.19 15.67 -2.89
C31 Y79 F . 6.81 15.89 -2.72
C32 Y79 F . 5.90 16.25 -3.47
C32 Y79 F . 5.44 16.40 -3.16
C33 Y79 F . 5.60 17.62 -2.86
C33 Y79 F . 5.07 17.77 -2.58
F34 Y79 F . 7.00 20.97 -2.92
F34 Y79 F . 2.13 19.86 -2.06
N11 Y79 F . 13.67 17.20 -0.97
N11 Y79 F . 13.56 17.01 -0.79
N19 Y79 F . 3.43 22.04 -1.28
N19 Y79 F . 2.71 22.14 -1.28
N3 Y79 F . 11.59 16.12 -0.48
N3 Y79 F . 11.41 16.00 -0.45
N7 Y79 F . 9.56 14.02 -2.75
N7 Y79 F . 9.34 14.18 -2.92
O10 Y79 F . 9.55 15.12 0.14
O10 Y79 F . 9.31 15.04 0.05
O18 Y79 F . 5.66 22.13 -0.73
O18 Y79 F . 4.81 22.25 -0.36
O24 Y79 F . 3.20 25.82 -5.03
O24 Y79 F . 4.15 25.74 -4.32
O25 Y79 F . 4.72 26.20 -3.51
O25 Y79 F . 2.09 26.43 -4.26
O27 Y79 F . 1.14 24.45 0.08
O27 Y79 F . 0.08 22.59 -1.23
O28 Y79 F . 0.84 22.78 -1.29
O28 Y79 F . 0.21 24.61 -0.39
#